data_5QK6
#
_entry.id   5QK6
#
_cell.length_a   49.260
_cell.length_b   59.800
_cell.length_c   80.310
_cell.angle_alpha   79.260
_cell.angle_beta   81.500
_cell.angle_gamma   75.670
#
_symmetry.space_group_name_H-M   'P 1'
#
loop_
_entity.id
_entity.type
_entity.pdbx_description
1 polymer 'ADP-sugar pyrophosphatase'
2 non-polymer 'MAGNESIUM ION'
3 non-polymer 2-fluoro-4-methylbenzamide
4 non-polymer 1,2-ETHANEDIOL
5 non-polymer 'CHLORIDE ION'
6 water water
#
_entity_poly.entity_id   1
_entity_poly.type   'polypeptide(L)'
_entity_poly.pdbx_seq_one_letter_code
;SMESQEPTESSQNGKQYIISEELISEGKWVKLEKTTYMDPTGKTRTWESVKRTTRKEQTADGVAVIPVLQRTLHYECIVL
VKQFRPPMGGYCIEFPAGLIDDGETPEAAALRELEEETGYKGDIAECSPAVCMDPGLSNCTIHIVTVTINGDDAENARPK
PKPGDGEFVEVISLPKNDLLQRLDALVAEEHLTVDARVYSYALALKHAN
;
_entity_poly.pdbx_strand_id   A,B,C,D
#
# COMPACT_ATOMS: atom_id res chain seq x y z
N LYS A 15 -27.48 27.74 26.11
CA LYS A 15 -27.04 28.94 26.89
C LYS A 15 -26.50 30.08 25.97
N GLN A 16 -25.68 29.76 24.96
CA GLN A 16 -25.04 30.82 24.14
C GLN A 16 -25.73 31.06 22.82
N TYR A 17 -25.62 32.31 22.35
CA TYR A 17 -26.29 32.72 21.12
C TYR A 17 -25.73 33.99 20.57
N ILE A 18 -26.08 34.24 19.31
CA ILE A 18 -25.64 35.40 18.56
C ILE A 18 -26.55 36.56 18.94
N ILE A 19 -25.90 37.68 19.25
CA ILE A 19 -26.56 38.97 19.49
C ILE A 19 -26.62 39.82 18.23
N SER A 20 -25.51 39.93 17.52
CA SER A 20 -25.44 40.71 16.30
C SER A 20 -24.29 40.29 15.40
N GLU A 21 -24.42 40.59 14.12
CA GLU A 21 -23.40 40.29 13.11
C GLU A 21 -23.18 41.58 12.29
N GLU A 22 -22.04 42.24 12.48
CA GLU A 22 -21.71 43.49 11.79
C GLU A 22 -20.77 43.24 10.64
N LEU A 23 -21.16 43.67 9.43
CA LEU A 23 -20.27 43.51 8.31
C LEU A 23 -19.05 44.37 8.52
N ILE A 24 -17.88 43.77 8.36
CA ILE A 24 -16.62 44.52 8.36
C ILE A 24 -16.19 44.81 6.90
N SER A 25 -16.10 43.79 6.06
CA SER A 25 -15.59 43.94 4.69
C SER A 25 -16.17 42.84 3.85
N GLU A 26 -16.64 43.15 2.65
CA GLU A 26 -17.35 42.23 1.77
C GLU A 26 -16.69 42.28 0.40
N GLY A 27 -16.13 41.15 -0.06
CA GLY A 27 -15.72 40.93 -1.41
C GLY A 27 -16.79 40.33 -2.28
N LYS A 28 -16.36 39.90 -3.46
CA LYS A 28 -17.20 39.17 -4.38
C LYS A 28 -17.62 37.83 -3.82
N TRP A 29 -16.67 37.14 -3.13
CA TRP A 29 -16.82 35.74 -2.72
C TRP A 29 -16.79 35.49 -1.23
N VAL A 30 -16.09 36.33 -0.48
CA VAL A 30 -15.84 36.17 0.96
C VAL A 30 -16.13 37.50 1.65
N LYS A 31 -16.66 37.41 2.86
CA LYS A 31 -16.74 38.55 3.74
C LYS A 31 -16.29 38.28 5.16
N LEU A 32 -16.00 39.36 5.89
CA LEU A 32 -15.60 39.30 7.25
C LEU A 32 -16.63 40.05 8.12
N GLU A 33 -16.97 39.47 9.26
CA GLU A 33 -17.97 40.00 10.18
C GLU A 33 -17.45 40.05 11.59
N LYS A 34 -17.93 41.07 12.35
CA LYS A 34 -17.73 41.17 13.78
C LYS A 34 -18.97 40.56 14.40
N THR A 35 -18.78 39.44 15.06
CA THR A 35 -19.89 38.75 15.67
C THR A 35 -19.96 39.04 17.15
N THR A 36 -21.12 39.47 17.63
CA THR A 36 -21.35 39.64 19.04
C THR A 36 -22.23 38.51 19.50
N TYR A 37 -21.81 37.86 20.59
CA TYR A 37 -22.57 36.76 21.15
C TYR A 37 -22.58 36.77 22.68
N MET A 38 -23.51 35.99 23.22
CA MET A 38 -23.65 35.87 24.67
C MET A 38 -22.93 34.62 25.15
N ASP A 39 -21.98 34.81 26.06
CA ASP A 39 -21.23 33.67 26.62
C ASP A 39 -22.08 33.01 27.72
N PRO A 40 -21.67 31.82 28.20
CA PRO A 40 -22.52 31.13 29.14
C PRO A 40 -22.51 31.64 30.60
N THR A 41 -21.58 32.54 30.97
CA THR A 41 -21.67 33.30 32.25
C THR A 41 -22.70 34.46 32.15
N GLY A 42 -23.16 34.77 30.93
CA GLY A 42 -24.08 35.87 30.68
C GLY A 42 -23.39 37.18 30.29
N LYS A 43 -22.09 37.12 30.03
CA LYS A 43 -21.31 38.23 29.46
C LYS A 43 -21.30 38.23 27.90
N THR A 44 -21.43 39.43 27.33
CA THR A 44 -21.31 39.76 25.91
C THR A 44 -19.81 39.67 25.45
N ARG A 45 -19.51 38.89 24.39
CA ARG A 45 -18.18 38.88 23.77
C ARG A 45 -18.27 39.04 22.22
N THR A 46 -17.13 39.30 21.60
CA THR A 46 -17.04 39.38 20.15
C THR A 46 -16.08 38.32 19.58
N TRP A 47 -16.28 38.09 18.31
CA TRP A 47 -15.48 37.11 17.54
C TRP A 47 -15.36 37.69 16.13
N GLU A 48 -14.26 37.43 15.45
CA GLU A 48 -14.11 37.73 14.03
C GLU A 48 -14.45 36.52 13.16
N SER A 49 -15.43 36.66 12.31
CA SER A 49 -16.07 35.55 11.59
C SER A 49 -15.97 35.75 10.11
N VAL A 50 -15.60 34.67 9.41
CA VAL A 50 -15.55 34.59 7.97
C VAL A 50 -16.80 33.88 7.44
N LYS A 51 -17.40 34.44 6.39
CA LYS A 51 -18.45 33.79 5.64
C LYS A 51 -18.30 33.90 4.15
N ARG A 52 -18.89 32.98 3.40
CA ARG A 52 -18.98 33.18 1.96
C ARG A 52 -20.19 34.07 1.64
N THR A 53 -20.13 34.73 0.50
CA THR A 53 -21.22 35.55 0.00
C THR A 53 -22.19 34.81 -0.94
N THR A 54 -21.87 33.56 -1.26
CA THR A 54 -22.51 32.78 -2.28
C THR A 54 -23.62 31.84 -1.75
N ARG A 55 -23.87 31.81 -0.45
CA ARG A 55 -24.78 30.80 0.08
C ARG A 55 -26.21 31.32 -0.04
N LYS A 56 -27.09 30.65 -0.78
CA LYS A 56 -28.48 31.10 -0.94
C LYS A 56 -29.40 30.20 -0.08
N GLU A 57 -30.13 29.27 -0.69
CA GLU A 57 -30.92 28.25 0.08
C GLU A 57 -30.22 26.86 0.19
N GLN A 58 -28.98 26.73 -0.29
CA GLN A 58 -28.22 25.49 -0.13
C GLN A 58 -28.16 25.09 1.32
N THR A 59 -28.25 23.79 1.59
CA THR A 59 -28.16 23.28 2.94
C THR A 59 -26.69 23.33 3.44
N ALA A 60 -25.78 23.68 2.54
CA ALA A 60 -24.36 23.90 2.83
C ALA A 60 -23.74 24.70 1.70
N ASP A 61 -22.53 25.22 1.93
CA ASP A 61 -21.83 25.88 0.86
C ASP A 61 -21.43 24.99 -0.31
N GLY A 62 -20.88 23.82 0.04
CA GLY A 62 -20.28 22.98 -0.92
C GLY A 62 -20.47 21.49 -0.66
N VAL A 63 -19.87 20.71 -1.54
CA VAL A 63 -19.72 19.27 -1.35
C VAL A 63 -18.24 18.91 -1.46
N ALA A 64 -17.89 17.84 -0.77
CA ALA A 64 -16.63 17.11 -1.02
C ALA A 64 -17.05 15.66 -1.28
N VAL A 65 -16.41 15.02 -2.23
CA VAL A 65 -16.80 13.70 -2.69
C VAL A 65 -15.73 12.68 -2.23
N ILE A 66 -16.17 11.62 -1.58
CA ILE A 66 -15.26 10.48 -1.28
C ILE A 66 -15.54 9.45 -2.38
N PRO A 67 -14.66 9.36 -3.42
CA PRO A 67 -14.95 8.55 -4.63
C PRO A 67 -14.17 7.24 -4.55
N VAL A 68 -14.92 6.17 -4.36
CA VAL A 68 -14.32 4.84 -4.15
C VAL A 68 -14.38 4.17 -5.47
N LEU A 69 -13.23 4.07 -6.11
CA LEU A 69 -13.09 3.45 -7.43
C LEU A 69 -12.99 1.95 -7.30
N GLN A 70 -13.92 1.22 -7.93
CA GLN A 70 -14.06 -0.26 -7.71
C GLN A 70 -13.92 -0.92 -9.06
N ARG A 71 -13.00 -1.91 -9.13
CA ARG A 71 -12.71 -2.59 -10.39
C ARG A 71 -12.42 -4.00 -10.07
N THR A 72 -12.97 -4.87 -10.91
CA THR A 72 -12.70 -6.29 -10.76
C THR A 72 -11.17 -6.56 -10.77
N LEU A 73 -10.78 -7.31 -9.78
CA LEU A 73 -9.39 -7.82 -9.65
C LEU A 73 -8.42 -6.70 -9.38
N HIS A 74 -8.98 -5.58 -8.89
CA HIS A 74 -8.16 -4.44 -8.34
C HIS A 74 -8.56 -4.15 -6.90
N TYR A 75 -7.56 -3.65 -6.13
CA TYR A 75 -7.81 -3.12 -4.84
C TYR A 75 -8.61 -1.81 -5.06
N GLU A 76 -9.47 -1.50 -4.12
CA GLU A 76 -10.34 -0.25 -4.21
C GLU A 76 -9.39 0.93 -4.12
N CYS A 77 -9.66 1.98 -4.91
CA CYS A 77 -8.86 3.20 -4.81
C CYS A 77 -9.77 4.32 -4.33
N ILE A 78 -9.13 5.32 -3.71
CA ILE A 78 -9.77 6.59 -3.34
C ILE A 78 -9.28 7.55 -4.40
N VAL A 79 -10.20 8.27 -5.05
CA VAL A 79 -9.84 9.17 -6.16
C VAL A 79 -9.68 10.57 -5.55
N LEU A 80 -8.51 11.18 -5.72
CA LEU A 80 -8.20 12.48 -5.21
C LEU A 80 -7.80 13.42 -6.33
N VAL A 81 -7.76 14.70 -6.02
CA VAL A 81 -7.36 15.70 -6.99
C VAL A 81 -6.29 16.58 -6.41
N LYS A 82 -5.42 17.04 -7.29
CA LYS A 82 -4.30 17.92 -6.92
C LYS A 82 -4.49 19.19 -7.78
N GLN A 83 -4.48 20.34 -7.12
CA GLN A 83 -4.70 21.62 -7.76
C GLN A 83 -3.89 22.67 -7.07
N PHE A 84 -3.61 23.74 -7.80
CA PHE A 84 -3.06 24.94 -7.19
C PHE A 84 -4.18 25.70 -6.43
N ARG A 85 -3.88 26.08 -5.21
CA ARG A 85 -4.83 26.78 -4.31
C ARG A 85 -4.24 28.13 -3.96
N PRO A 86 -4.78 29.19 -4.57
CA PRO A 86 -4.18 30.50 -4.30
C PRO A 86 -4.08 30.86 -2.81
N PRO A 87 -5.09 30.53 -1.93
CA PRO A 87 -4.90 30.88 -0.51
C PRO A 87 -3.72 30.24 0.15
N MET A 88 -3.37 29.06 -0.33
CA MET A 88 -2.28 28.32 0.22
C MET A 88 -0.96 28.65 -0.44
N GLY A 89 -0.97 29.34 -1.57
CA GLY A 89 0.29 29.56 -2.33
C GLY A 89 1.01 28.32 -2.85
N GLY A 90 0.24 27.30 -3.26
CA GLY A 90 0.82 26.06 -3.65
C GLY A 90 -0.24 24.97 -3.88
N TYR A 91 0.26 23.79 -4.21
CA TYR A 91 -0.57 22.65 -4.64
C TYR A 91 -1.05 21.84 -3.43
N CYS A 92 -2.31 21.41 -3.52
CA CYS A 92 -2.93 20.66 -2.44
C CYS A 92 -3.54 19.42 -2.98
N ILE A 93 -3.59 18.38 -2.17
CA ILE A 93 -4.29 17.13 -2.56
C ILE A 93 -5.57 17.03 -1.71
N GLU A 94 -6.74 16.89 -2.38
CA GLU A 94 -8.04 17.01 -1.71
C GLU A 94 -8.99 15.97 -2.30
N PHE A 95 -10.06 15.72 -1.57
CA PHE A 95 -11.22 15.08 -2.22
C PHE A 95 -11.72 16.04 -3.31
N PRO A 96 -12.28 15.50 -4.43
CA PRO A 96 -13.01 16.33 -5.41
C PRO A 96 -14.11 17.13 -4.66
N ALA A 97 -14.32 18.37 -5.04
CA ALA A 97 -15.15 19.25 -4.32
C ALA A 97 -15.52 20.46 -5.10
N GLY A 98 -16.69 21.04 -4.78
CA GLY A 98 -17.05 22.33 -5.34
C GLY A 98 -18.26 22.88 -4.60
N LEU A 99 -18.58 24.14 -4.90
CA LEU A 99 -19.74 24.75 -4.28
C LEU A 99 -21.02 24.23 -4.95
N ILE A 100 -22.08 24.19 -4.18
CA ILE A 100 -23.38 23.73 -4.63
C ILE A 100 -24.05 24.87 -5.39
N ASP A 101 -24.50 24.61 -6.61
CA ASP A 101 -25.16 25.69 -7.40
C ASP A 101 -26.55 25.91 -6.80
N ASP A 102 -27.10 27.11 -6.99
CA ASP A 102 -28.45 27.43 -6.46
C ASP A 102 -29.45 26.43 -7.04
N GLY A 103 -30.24 25.79 -6.17
CA GLY A 103 -31.28 24.85 -6.56
C GLY A 103 -30.80 23.43 -6.81
N GLU A 104 -29.49 23.22 -6.68
CA GLU A 104 -28.89 21.98 -6.97
C GLU A 104 -28.90 21.17 -5.65
N THR A 105 -29.09 19.86 -5.75
CA THR A 105 -29.04 19.04 -4.54
C THR A 105 -27.54 18.76 -4.19
N PRO A 106 -27.28 18.43 -2.94
CA PRO A 106 -25.85 18.03 -2.63
C PRO A 106 -25.41 16.83 -3.46
N GLU A 107 -26.24 15.83 -3.61
CA GLU A 107 -25.90 14.66 -4.42
C GLU A 107 -25.58 14.97 -5.88
N ALA A 108 -26.44 15.75 -6.52
CA ALA A 108 -26.21 16.19 -7.90
C ALA A 108 -24.90 16.98 -8.00
N ALA A 109 -24.69 17.88 -7.05
CA ALA A 109 -23.47 18.68 -7.01
C ALA A 109 -22.26 17.77 -6.93
N ALA A 110 -22.35 16.77 -6.06
CA ALA A 110 -21.22 15.78 -5.91
C ALA A 110 -20.93 15.04 -7.18
N LEU A 111 -21.97 14.50 -7.79
CA LEU A 111 -21.75 13.73 -9.00
C LEU A 111 -21.25 14.63 -10.11
N ARG A 112 -21.69 15.84 -10.14
CA ARG A 112 -21.29 16.78 -11.17
C ARG A 112 -19.83 17.18 -10.98
N GLU A 113 -19.48 17.60 -9.77
CA GLU A 113 -18.10 17.98 -9.50
C GLU A 113 -17.14 16.79 -9.74
N LEU A 114 -17.53 15.59 -9.31
CA LEU A 114 -16.67 14.44 -9.52
C LEU A 114 -16.41 14.27 -11.04
N GLU A 115 -17.47 14.31 -11.84
CA GLU A 115 -17.30 14.19 -13.27
C GLU A 115 -16.44 15.32 -13.86
N GLU A 116 -16.70 16.57 -13.45
CA GLU A 116 -15.94 17.73 -13.97
C GLU A 116 -14.46 17.64 -13.63
N GLU A 117 -14.17 17.18 -12.40
CA GLU A 117 -12.78 17.25 -11.88
C GLU A 117 -11.98 15.99 -12.23
N THR A 118 -12.66 14.87 -12.41
CA THR A 118 -11.95 13.57 -12.61
C THR A 118 -12.34 12.82 -13.87
N GLY A 119 -13.47 13.16 -14.47
CA GLY A 119 -14.01 12.40 -15.59
C GLY A 119 -14.91 11.24 -15.21
N TYR A 120 -14.82 10.76 -13.98
CA TYR A 120 -15.60 9.64 -13.59
C TYR A 120 -17.07 9.95 -13.34
N LYS A 121 -17.91 8.96 -13.71
CA LYS A 121 -19.31 8.95 -13.41
C LYS A 121 -19.62 8.03 -12.27
N GLY A 122 -19.91 8.58 -11.12
CA GLY A 122 -20.13 7.80 -9.94
C GLY A 122 -21.55 7.43 -9.68
N ASP A 123 -21.77 6.64 -8.65
CA ASP A 123 -23.14 6.28 -8.11
C ASP A 123 -23.20 6.69 -6.69
N ILE A 124 -24.23 7.40 -6.25
CA ILE A 124 -24.32 7.80 -4.88
C ILE A 124 -24.30 6.62 -3.94
N ALA A 125 -23.53 6.72 -2.88
CA ALA A 125 -23.65 5.80 -1.75
C ALA A 125 -24.28 6.34 -0.51
N GLU A 126 -23.80 7.49 -0.04
CA GLU A 126 -24.28 8.13 1.20
C GLU A 126 -24.01 9.59 1.12
N CYS A 127 -24.77 10.33 1.88
CA CYS A 127 -24.61 11.79 1.95
C CYS A 127 -24.68 12.25 3.38
N SER A 128 -23.66 12.97 3.85
CA SER A 128 -23.66 13.40 5.20
C SER A 128 -24.64 14.57 5.43
N PRO A 129 -24.93 14.87 6.72
CA PRO A 129 -25.46 16.19 7.04
C PRO A 129 -24.40 17.26 6.76
N ALA A 130 -24.82 18.51 6.78
CA ALA A 130 -23.86 19.58 6.64
C ALA A 130 -22.86 19.56 7.77
N VAL A 131 -21.59 19.53 7.40
CA VAL A 131 -20.47 19.49 8.41
C VAL A 131 -19.62 20.75 8.28
N CYS A 132 -19.01 21.20 9.37
CA CYS A 132 -18.25 22.47 9.34
C CYS A 132 -16.78 22.33 9.00
N MET A 133 -16.35 23.25 8.16
CA MET A 133 -15.02 23.30 7.66
C MET A 133 -13.98 23.79 8.64
N ASP A 134 -14.27 24.85 9.40
CA ASP A 134 -13.24 25.40 10.29
C ASP A 134 -14.02 26.33 11.22
N PRO A 135 -14.74 25.76 12.19
CA PRO A 135 -15.86 26.48 12.84
C PRO A 135 -15.42 27.58 13.79
N GLY A 136 -14.17 27.57 14.24
CA GLY A 136 -13.55 28.72 14.98
C GLY A 136 -13.28 29.94 14.12
N LEU A 137 -13.28 29.76 12.80
CA LEU A 137 -12.98 30.85 11.85
C LEU A 137 -14.16 31.27 10.97
N SER A 138 -14.86 30.28 10.45
CA SER A 138 -15.84 30.49 9.38
C SER A 138 -17.13 29.75 9.59
N ASN A 139 -18.17 30.17 8.88
CA ASN A 139 -19.44 29.44 8.94
C ASN A 139 -19.52 28.38 7.82
N CYS A 140 -18.42 28.14 7.14
CA CYS A 140 -18.47 27.35 5.89
C CYS A 140 -18.77 25.88 6.23
N THR A 141 -19.63 25.30 5.39
CA THR A 141 -20.08 23.95 5.57
C THR A 141 -20.09 23.25 4.21
N ILE A 142 -19.98 21.93 4.31
CA ILE A 142 -20.14 21.03 3.16
C ILE A 142 -20.98 19.83 3.51
N HIS A 143 -21.52 19.18 2.48
CA HIS A 143 -21.88 17.75 2.62
C HIS A 143 -20.75 16.89 2.07
N ILE A 144 -20.42 15.84 2.82
CA ILE A 144 -19.48 14.85 2.41
C ILE A 144 -20.32 13.74 1.79
N VAL A 145 -20.09 13.54 0.52
CA VAL A 145 -20.87 12.60 -0.35
C VAL A 145 -19.97 11.47 -0.74
N THR A 146 -20.31 10.26 -0.26
CA THR A 146 -19.61 9.03 -0.64
C THR A 146 -20.21 8.52 -1.91
N VAL A 147 -19.36 8.27 -2.90
CA VAL A 147 -19.79 7.80 -4.21
C VAL A 147 -18.92 6.64 -4.61
N THR A 148 -19.51 5.59 -5.15
CA THR A 148 -18.71 4.52 -5.77
C THR A 148 -18.58 4.71 -7.27
N ILE A 149 -17.46 4.32 -7.86
CA ILE A 149 -17.27 4.44 -9.26
C ILE A 149 -17.08 3.04 -9.77
N ASN A 150 -17.89 2.61 -10.75
CA ASN A 150 -17.75 1.27 -11.28
C ASN A 150 -16.73 1.44 -12.41
N GLY A 151 -15.44 1.12 -12.09
CA GLY A 151 -14.41 1.29 -13.05
C GLY A 151 -14.37 0.23 -14.13
N ASP A 152 -15.24 -0.75 -14.05
CA ASP A 152 -15.37 -1.70 -15.19
C ASP A 152 -16.37 -1.23 -16.25
N ASP A 153 -17.18 -0.21 -15.94
CA ASP A 153 -18.08 0.36 -16.94
C ASP A 153 -17.30 1.12 -18.00
N ALA A 154 -17.69 0.99 -19.26
CA ALA A 154 -17.02 1.65 -20.39
C ALA A 154 -16.94 3.19 -20.26
N GLU A 155 -17.99 3.78 -19.63
CA GLU A 155 -18.03 5.23 -19.37
C GLU A 155 -16.83 5.68 -18.52
N ASN A 156 -16.30 4.78 -17.71
CA ASN A 156 -15.24 5.10 -16.77
C ASN A 156 -13.90 4.52 -17.18
N ALA A 157 -13.76 4.20 -18.47
CA ALA A 157 -12.58 3.51 -19.00
C ALA A 157 -11.45 4.49 -19.16
N ARG A 158 -11.70 5.54 -19.94
CA ARG A 158 -10.71 6.58 -20.23
C ARG A 158 -11.29 7.93 -19.75
N PRO A 159 -11.38 8.13 -18.42
CA PRO A 159 -11.98 9.35 -17.86
C PRO A 159 -11.15 10.61 -18.17
N LYS A 160 -11.76 11.63 -18.77
CA LYS A 160 -11.13 12.96 -18.97
C LYS A 160 -11.86 14.03 -18.13
N PRO A 161 -11.15 14.76 -17.24
CA PRO A 161 -11.81 15.94 -16.61
C PRO A 161 -12.56 16.87 -17.63
N LYS A 162 -13.65 17.48 -17.20
CA LYS A 162 -14.28 18.60 -17.91
C LYS A 162 -14.15 19.85 -17.04
N PRO A 163 -12.91 20.36 -16.89
CA PRO A 163 -12.71 21.50 -15.99
C PRO A 163 -13.33 22.79 -16.52
N GLY A 164 -13.91 23.59 -15.60
CA GLY A 164 -14.54 24.86 -15.96
C GLY A 164 -13.47 25.90 -16.24
N ASP A 165 -13.88 27.17 -16.36
CA ASP A 165 -12.89 28.22 -16.64
C ASP A 165 -12.01 28.43 -15.40
N GLY A 166 -10.70 28.49 -15.59
CA GLY A 166 -9.77 28.67 -14.46
C GLY A 166 -9.58 27.45 -13.54
N GLU A 167 -10.15 26.30 -13.94
CA GLU A 167 -10.01 25.05 -13.22
C GLU A 167 -8.90 24.26 -13.90
N PHE A 168 -7.98 23.71 -13.10
CA PHE A 168 -6.79 23.02 -13.62
C PHE A 168 -6.43 21.86 -12.67
N VAL A 169 -7.04 20.72 -12.91
CA VAL A 169 -7.05 19.66 -11.90
C VAL A 169 -6.35 18.40 -12.39
N GLU A 170 -5.52 17.84 -11.53
CA GLU A 170 -4.84 16.56 -11.76
C GLU A 170 -5.51 15.48 -10.88
N VAL A 171 -5.77 14.29 -11.44
CA VAL A 171 -6.32 13.19 -10.70
C VAL A 171 -5.27 12.21 -10.16
N ILE A 172 -5.39 11.85 -8.89
CA ILE A 172 -4.49 10.90 -8.24
C ILE A 172 -5.34 9.90 -7.53
N SER A 173 -5.32 8.68 -8.05
CA SER A 173 -6.02 7.54 -7.47
C SER A 173 -5.12 6.68 -6.63
N LEU A 174 -5.42 6.51 -5.36
CA LEU A 174 -4.53 5.76 -4.46
C LEU A 174 -5.24 4.63 -3.80
N PRO A 175 -4.58 3.47 -3.62
CA PRO A 175 -5.27 2.37 -2.94
C PRO A 175 -5.70 2.62 -1.54
N LYS A 176 -6.97 2.34 -1.28
CA LYS A 176 -7.55 2.51 0.01
C LYS A 176 -6.75 1.77 1.11
N ASN A 177 -6.25 0.56 0.76
CA ASN A 177 -5.53 -0.25 1.71
C ASN A 177 -4.14 0.26 2.07
N ASP A 178 -3.69 1.33 1.42
CA ASP A 178 -2.35 1.93 1.76
C ASP A 178 -2.37 3.45 1.67
N LEU A 179 -3.54 4.07 1.98
CA LEU A 179 -3.72 5.42 1.59
C LEU A 179 -2.73 6.40 2.32
N LEU A 180 -2.63 6.22 3.63
CA LEU A 180 -1.83 7.09 4.48
C LEU A 180 -0.36 7.03 4.02
N GLN A 181 0.15 5.83 3.80
CA GLN A 181 1.54 5.75 3.34
C GLN A 181 1.75 6.32 1.98
N ARG A 182 0.76 6.15 1.10
CA ARG A 182 0.92 6.69 -0.23
C ARG A 182 0.84 8.21 -0.24
N LEU A 183 -0.01 8.79 0.61
CA LEU A 183 -0.02 10.23 0.77
C LEU A 183 1.31 10.72 1.35
N ASP A 184 1.80 10.03 2.35
CA ASP A 184 3.16 10.39 2.93
C ASP A 184 4.22 10.36 1.83
N ALA A 185 4.23 9.36 0.98
CA ALA A 185 5.22 9.30 -0.10
C ALA A 185 5.06 10.42 -1.13
N LEU A 186 3.83 10.84 -1.42
CA LEU A 186 3.68 12.05 -2.21
C LEU A 186 4.21 13.35 -1.56
N VAL A 187 3.97 13.51 -0.26
CA VAL A 187 4.44 14.66 0.54
C VAL A 187 5.95 14.67 0.76
N ALA A 188 6.56 13.49 0.80
CA ALA A 188 8.04 13.36 0.88
C ALA A 188 8.77 13.76 -0.44
N GLU A 189 8.10 13.63 -1.59
CA GLU A 189 8.68 13.86 -2.92
C GLU A 189 8.58 15.25 -3.55
N GLU A 190 7.56 16.02 -3.16
CA GLU A 190 7.36 17.37 -3.66
C GLU A 190 6.74 18.26 -2.58
N HIS A 191 6.80 19.57 -2.80
CA HIS A 191 6.13 20.53 -1.94
C HIS A 191 4.64 20.50 -2.27
N LEU A 192 3.86 19.92 -1.37
CA LEU A 192 2.41 19.91 -1.55
C LEU A 192 1.79 19.70 -0.16
N THR A 193 0.54 20.08 0.00
CA THR A 193 -0.12 19.95 1.25
C THR A 193 -1.32 18.98 1.08
N VAL A 194 -1.40 18.07 2.00
CA VAL A 194 -2.59 17.21 1.99
C VAL A 194 -3.67 17.91 2.79
N ASP A 195 -4.90 17.77 2.31
CA ASP A 195 -6.05 18.31 3.02
C ASP A 195 -6.37 17.55 4.28
N ALA A 196 -6.84 18.30 5.28
CA ALA A 196 -7.09 17.72 6.61
C ALA A 196 -8.16 16.64 6.59
N ARG A 197 -9.18 16.80 5.73
CA ARG A 197 -10.21 15.75 5.66
C ARG A 197 -9.66 14.45 5.04
N VAL A 198 -8.90 14.59 3.96
CA VAL A 198 -8.23 13.44 3.38
C VAL A 198 -7.32 12.75 4.37
N TYR A 199 -6.53 13.55 5.09
CA TYR A 199 -5.62 12.94 6.09
C TYR A 199 -6.38 12.24 7.20
N SER A 200 -7.50 12.81 7.62
CA SER A 200 -8.28 12.23 8.70
C SER A 200 -8.84 10.90 8.26
N TYR A 201 -9.33 10.87 7.03
CA TYR A 201 -9.89 9.67 6.40
C TYR A 201 -8.81 8.62 6.29
N ALA A 202 -7.64 9.01 5.81
CA ALA A 202 -6.48 8.06 5.72
C ALA A 202 -6.03 7.53 7.08
N LEU A 203 -6.01 8.40 8.10
CA LEU A 203 -5.64 7.97 9.45
C LEU A 203 -6.63 6.95 10.05
N ALA A 204 -7.96 7.19 9.87
CA ALA A 204 -8.95 6.23 10.35
C ALA A 204 -8.80 4.87 9.65
N LEU A 205 -8.51 4.87 8.35
CA LEU A 205 -8.27 3.64 7.59
C LEU A 205 -7.13 2.83 8.24
N LYS A 206 -6.04 3.53 8.60
CA LYS A 206 -4.97 2.91 9.43
C LYS A 206 -5.48 2.41 10.76
N HIS A 207 -6.20 3.25 11.51
CA HIS A 207 -6.58 2.98 12.87
C HIS A 207 -7.60 1.84 12.91
N ALA A 208 -8.35 1.63 11.81
CA ALA A 208 -9.33 0.58 11.78
C ALA A 208 -8.57 -0.76 11.60
N LYS B 15 4.08 25.25 -12.30
CA LYS B 15 3.38 25.99 -13.39
C LYS B 15 2.61 27.19 -12.82
N GLN B 16 1.89 27.01 -11.71
CA GLN B 16 1.16 28.15 -11.12
C GLN B 16 1.88 28.69 -9.91
N TYR B 17 1.68 29.98 -9.64
CA TYR B 17 2.33 30.64 -8.54
C TYR B 17 1.68 31.97 -8.23
N ILE B 18 2.01 32.48 -7.04
CA ILE B 18 1.54 33.75 -6.56
C ILE B 18 2.47 34.87 -7.13
N ILE B 19 1.83 35.91 -7.59
CA ILE B 19 2.51 37.12 -8.05
C ILE B 19 2.52 38.17 -6.94
N SER B 20 1.32 38.52 -6.43
CA SER B 20 1.15 39.51 -5.37
C SER B 20 -0.05 39.24 -4.46
N GLU B 21 -0.01 39.84 -3.28
CA GLU B 21 -1.08 39.67 -2.30
C GLU B 21 -1.39 41.06 -1.85
N GLU B 22 -2.62 41.48 -2.04
CA GLU B 22 -3.10 42.76 -1.59
C GLU B 22 -3.96 42.65 -0.33
N LEU B 23 -3.54 43.30 0.75
CA LEU B 23 -4.37 43.38 1.94
C LEU B 23 -5.70 44.09 1.69
N ILE B 24 -6.80 43.44 2.03
CA ILE B 24 -8.13 44.05 1.85
C ILE B 24 -8.59 44.55 3.21
N SER B 25 -8.45 43.75 4.26
CA SER B 25 -8.90 44.13 5.58
C SER B 25 -8.28 43.23 6.61
N GLU B 26 -7.83 43.79 7.73
CA GLU B 26 -7.10 43.10 8.75
C GLU B 26 -7.72 43.31 10.10
N GLY B 27 -8.21 42.25 10.71
CA GLY B 27 -8.64 42.32 12.10
C GLY B 27 -7.55 41.92 13.07
N LYS B 28 -7.95 41.66 14.30
CA LYS B 28 -7.05 41.19 15.34
C LYS B 28 -6.54 39.77 15.08
N TRP B 29 -7.46 38.94 14.57
CA TRP B 29 -7.26 37.51 14.43
C TRP B 29 -7.22 37.01 12.97
N VAL B 30 -7.83 37.75 12.05
CA VAL B 30 -8.08 37.30 10.68
C VAL B 30 -7.89 38.46 9.75
N LYS B 31 -7.37 38.20 8.56
CA LYS B 31 -7.31 39.17 7.45
C LYS B 31 -7.82 38.59 6.15
N LEU B 32 -8.30 39.46 5.25
CA LEU B 32 -8.76 39.10 3.94
C LEU B 32 -7.82 39.75 2.94
N GLU B 33 -7.33 38.98 1.97
CA GLU B 33 -6.38 39.43 0.94
C GLU B 33 -6.94 39.14 -0.43
N LYS B 34 -6.51 39.91 -1.43
CA LYS B 34 -6.77 39.57 -2.82
C LYS B 34 -5.43 39.07 -3.34
N THR B 35 -5.39 37.81 -3.76
CA THR B 35 -4.20 37.15 -4.26
C THR B 35 -4.23 37.21 -5.77
N THR B 36 -3.15 37.70 -6.36
CA THR B 36 -2.98 37.59 -7.79
C THR B 36 -2.02 36.43 -8.06
N TYR B 37 -2.39 35.58 -9.01
CA TYR B 37 -1.65 34.38 -9.38
C TYR B 37 -1.69 34.12 -10.89
N MET B 38 -0.71 33.33 -11.31
CA MET B 38 -0.53 32.96 -12.70
C MET B 38 -1.22 31.64 -12.92
N ASP B 39 -2.18 31.60 -13.85
CA ASP B 39 -2.88 30.37 -14.12
C ASP B 39 -2.00 29.58 -15.12
N PRO B 40 -2.29 28.31 -15.36
CA PRO B 40 -1.29 27.57 -16.15
C PRO B 40 -1.28 27.92 -17.63
N THR B 41 -2.34 28.54 -18.14
CA THR B 41 -2.38 29.01 -19.53
C THR B 41 -1.47 30.21 -19.79
N GLY B 42 -0.90 30.83 -18.74
CA GLY B 42 -0.20 32.12 -18.87
C GLY B 42 -1.02 33.37 -18.50
N LYS B 43 -2.27 33.18 -18.07
CA LYS B 43 -3.21 34.28 -17.74
C LYS B 43 -3.23 34.60 -16.24
N THR B 44 -3.22 35.89 -15.92
CA THR B 44 -3.18 36.35 -14.53
C THR B 44 -4.58 36.37 -13.98
N ARG B 45 -4.75 35.90 -12.73
CA ARG B 45 -6.10 35.75 -12.13
C ARG B 45 -6.04 36.20 -10.70
N THR B 46 -7.21 36.46 -10.08
CA THR B 46 -7.28 36.87 -8.70
C THR B 46 -8.16 35.91 -7.89
N TRP B 47 -7.89 35.90 -6.60
CA TRP B 47 -8.60 35.03 -5.65
C TRP B 47 -8.79 35.79 -4.35
N GLU B 48 -9.91 35.58 -3.67
CA GLU B 48 -10.13 36.20 -2.36
C GLU B 48 -9.77 35.15 -1.31
N SER B 49 -8.73 35.45 -0.54
CA SER B 49 -8.06 34.58 0.39
C SER B 49 -8.17 35.07 1.83
N VAL B 50 -8.29 34.14 2.77
CA VAL B 50 -8.37 34.44 4.19
C VAL B 50 -7.11 33.91 4.83
N LYS B 51 -6.53 34.67 5.77
CA LYS B 51 -5.41 34.21 6.54
C LYS B 51 -5.59 34.63 7.99
N ARG B 52 -5.03 33.83 8.90
CA ARG B 52 -4.88 34.28 10.30
C ARG B 52 -3.72 35.26 10.43
N THR B 53 -3.83 36.12 11.42
CA THR B 53 -2.75 37.07 11.73
C THR B 53 -1.82 36.55 12.83
N THR B 54 -2.05 35.34 13.31
CA THR B 54 -1.37 34.75 14.45
C THR B 54 -0.19 33.80 14.18
N ARG B 55 0.02 33.43 12.92
CA ARG B 55 1.06 32.44 12.60
C ARG B 55 2.46 33.03 12.73
N LYS B 56 3.37 32.27 13.34
CA LYS B 56 4.76 32.73 13.58
C LYS B 56 5.76 31.99 12.69
N GLN B 58 5.65 29.05 13.48
CA GLN B 58 5.06 27.74 13.73
C GLN B 58 4.97 26.91 12.45
N THR B 59 4.90 25.59 12.63
CA THR B 59 4.72 24.61 11.52
C THR B 59 3.33 24.66 10.83
N ALA B 60 2.38 25.19 11.57
CA ALA B 60 0.97 25.25 11.23
C ALA B 60 0.31 26.25 12.19
N ASP B 61 -0.93 26.63 11.88
CA ASP B 61 -1.69 27.49 12.78
C ASP B 61 -2.04 26.82 14.10
N GLY B 62 -2.55 25.61 13.99
CA GLY B 62 -3.20 24.84 15.07
C GLY B 62 -2.83 23.37 15.11
N VAL B 63 -3.33 22.73 16.16
CA VAL B 63 -3.40 21.30 16.27
C VAL B 63 -4.84 20.89 16.46
N ALA B 64 -5.15 19.68 15.97
CA ALA B 64 -6.37 18.95 16.31
C ALA B 64 -5.91 17.59 16.84
N VAL B 65 -6.52 17.15 17.90
CA VAL B 65 -6.14 15.96 18.61
C VAL B 65 -7.21 14.84 18.37
N ILE B 66 -6.78 13.68 17.90
CA ILE B 66 -7.62 12.49 17.84
C ILE B 66 -7.30 11.70 19.15
N PRO B 67 -8.16 11.86 20.17
CA PRO B 67 -7.85 11.26 21.48
C PRO B 67 -8.59 9.95 21.64
N VAL B 68 -7.81 8.90 21.76
CA VAL B 68 -8.29 7.54 21.77
C VAL B 68 -8.26 7.14 23.26
N LEU B 69 -9.43 7.13 23.87
CA LEU B 69 -9.61 6.78 25.28
C LEU B 69 -9.71 5.25 25.46
N GLN B 70 -8.71 4.68 26.11
CA GLN B 70 -8.55 3.24 26.23
C GLN B 70 -8.80 2.82 27.69
N ARG B 71 -9.85 2.05 27.94
CA ARG B 71 -10.17 1.59 29.26
C ARG B 71 -10.39 0.12 29.14
N THR B 72 -9.72 -0.66 29.97
CA THR B 72 -9.92 -2.07 29.84
C THR B 72 -11.40 -2.46 30.17
N LEU B 73 -11.84 -3.48 29.45
CA LEU B 73 -13.20 -4.02 29.47
C LEU B 73 -14.25 -3.05 29.07
N HIS B 74 -13.83 -2.02 28.33
CA HIS B 74 -14.78 -1.02 27.76
C HIS B 74 -14.46 -0.89 26.29
N TYR B 75 -15.45 -0.40 25.51
CA TYR B 75 -15.08 -0.05 24.14
C TYR B 75 -14.09 1.11 24.14
N GLU B 76 -13.21 1.11 23.17
CA GLU B 76 -12.32 2.25 22.91
C GLU B 76 -13.21 3.43 22.43
N CYS B 77 -12.96 4.62 22.97
CA CYS B 77 -13.73 5.80 22.65
C CYS B 77 -12.81 6.85 21.99
N ILE B 78 -13.45 7.67 21.17
CA ILE B 78 -12.82 8.88 20.68
C ILE B 78 -13.43 10.00 21.51
N VAL B 79 -12.56 10.86 22.04
CA VAL B 79 -12.98 11.93 22.93
C VAL B 79 -13.23 13.21 22.10
N LEU B 80 -14.43 13.72 22.10
CA LEU B 80 -14.75 14.92 21.30
C LEU B 80 -15.23 16.06 22.20
N VAL B 81 -15.30 17.26 21.66
CA VAL B 81 -15.71 18.37 22.41
C VAL B 81 -16.82 19.08 21.73
N LYS B 82 -17.71 19.66 22.53
CA LYS B 82 -18.85 20.42 22.03
C LYS B 82 -18.74 21.84 22.56
N GLN B 83 -18.80 22.81 21.66
CA GLN B 83 -18.70 24.21 22.05
C GLN B 83 -19.56 25.05 21.12
N PHE B 84 -19.97 26.23 21.65
CA PHE B 84 -20.60 27.24 20.85
C PHE B 84 -19.53 27.85 19.92
N ARG B 85 -19.82 27.92 18.65
CA ARG B 85 -18.88 28.57 17.72
C ARG B 85 -19.46 29.79 17.07
N PRO B 86 -18.97 30.98 17.46
CA PRO B 86 -19.66 32.17 16.98
C PRO B 86 -19.78 32.29 15.45
N PRO B 87 -18.74 31.85 14.68
CA PRO B 87 -18.96 31.95 13.22
C PRO B 87 -20.07 31.07 12.71
N MET B 88 -20.32 29.96 13.40
CA MET B 88 -21.35 29.04 13.00
C MET B 88 -22.73 29.42 13.54
N GLY B 89 -22.78 30.29 14.54
CA GLY B 89 -24.04 30.64 15.17
C GLY B 89 -24.62 29.51 15.95
N GLY B 90 -23.83 28.48 16.32
CA GLY B 90 -24.42 27.35 17.05
C GLY B 90 -23.34 26.45 17.56
N TYR B 91 -23.78 25.32 18.09
CA TYR B 91 -22.86 24.36 18.73
C TYR B 91 -22.31 23.37 17.71
N CYS B 92 -21.04 23.02 17.87
CA CYS B 92 -20.32 22.07 16.99
C CYS B 92 -19.63 21.01 17.79
N ILE B 93 -19.47 19.85 17.19
CA ILE B 93 -18.83 18.71 17.78
C ILE B 93 -17.53 18.58 16.98
N GLU B 94 -16.42 18.60 17.69
CA GLU B 94 -15.07 18.67 17.10
C GLU B 94 -14.03 17.82 17.85
N PHE B 95 -12.90 17.54 17.20
CA PHE B 95 -11.73 17.07 17.92
C PHE B 95 -11.26 18.21 18.85
N PRO B 96 -10.76 17.89 20.00
CA PRO B 96 -10.05 18.93 20.80
C PRO B 96 -8.97 19.58 19.98
N ALA B 97 -8.83 20.90 20.12
CA ALA B 97 -8.03 21.66 19.18
C ALA B 97 -7.81 23.07 19.69
N GLY B 98 -6.66 23.61 19.29
CA GLY B 98 -6.32 25.02 19.51
C GLY B 98 -5.10 25.44 18.71
N LEU B 99 -4.84 26.76 18.70
CA LEU B 99 -3.69 27.31 17.98
C LEU B 99 -2.42 26.95 18.74
N ILE B 100 -1.31 26.77 18.00
CA ILE B 100 0.01 26.42 18.55
C ILE B 100 0.64 27.72 19.08
N ASP B 101 1.06 27.71 20.35
CA ASP B 101 1.71 28.88 20.96
C ASP B 101 3.07 29.12 20.32
N ASP B 102 3.45 30.40 20.21
CA ASP B 102 4.76 30.76 19.63
C ASP B 102 5.87 30.01 20.41
N GLY B 103 6.73 29.28 19.70
CA GLY B 103 7.75 28.46 20.34
C GLY B 103 7.27 27.18 21.03
N GLU B 104 6.08 26.70 20.66
CA GLU B 104 5.56 25.42 21.14
C GLU B 104 5.63 24.41 19.99
N THR B 105 5.92 23.16 20.31
CA THR B 105 5.94 22.11 19.30
C THR B 105 4.49 21.61 19.08
N PRO B 106 4.17 21.07 17.90
CA PRO B 106 2.78 20.57 17.71
C PRO B 106 2.38 19.49 18.73
N GLU B 107 3.31 18.60 19.03
CA GLU B 107 3.06 17.57 20.08
C GLU B 107 2.69 18.18 21.43
N ALA B 108 3.44 19.20 21.81
CA ALA B 108 3.24 19.81 23.12
C ALA B 108 1.94 20.57 23.15
N ALA B 109 1.59 21.22 22.02
CA ALA B 109 0.30 21.89 21.87
C ALA B 109 -0.85 20.91 21.98
N ALA B 110 -0.63 19.73 21.45
CA ALA B 110 -1.68 18.67 21.46
C ALA B 110 -1.98 18.20 22.83
N LEU B 111 -0.93 17.85 23.58
CA LEU B 111 -1.20 17.44 24.97
C LEU B 111 -1.74 18.54 25.84
N ARG B 112 -1.28 19.78 25.62
CA ARG B 112 -1.79 20.87 26.37
C ARG B 112 -3.26 21.13 26.06
N GLU B 113 -3.61 21.23 24.75
CA GLU B 113 -4.99 21.48 24.42
C GLU B 113 -5.93 20.38 24.86
N LEU B 114 -5.51 19.14 24.72
CA LEU B 114 -6.26 18.01 25.22
C LEU B 114 -6.54 18.11 26.71
N GLU B 115 -5.52 18.43 27.49
CA GLU B 115 -5.77 18.65 28.93
C GLU B 115 -6.67 19.80 29.29
N GLU B 116 -6.49 20.94 28.62
CA GLU B 116 -7.30 22.12 28.90
C GLU B 116 -8.77 21.87 28.57
N GLU B 117 -9.00 21.22 27.42
CA GLU B 117 -10.33 21.07 26.88
C GLU B 117 -11.08 19.86 27.43
N THR B 118 -10.35 18.83 27.82
CA THR B 118 -11.00 17.57 28.34
C THR B 118 -10.62 17.17 29.77
N GLY B 119 -9.53 17.71 30.32
CA GLY B 119 -8.90 17.15 31.51
C GLY B 119 -8.00 15.93 31.33
N TYR B 120 -8.01 15.25 30.17
CA TYR B 120 -7.24 14.05 30.02
C TYR B 120 -5.78 14.30 29.73
N LYS B 121 -4.94 13.43 30.28
CA LYS B 121 -3.51 13.40 30.04
C LYS B 121 -3.16 12.23 29.17
N GLY B 122 -2.73 12.52 27.98
CA GLY B 122 -2.52 11.50 26.98
C GLY B 122 -1.06 11.32 26.63
N ASP B 123 -0.80 10.37 25.77
CA ASP B 123 0.48 10.07 25.21
C ASP B 123 0.43 10.22 23.71
N ILE B 124 1.45 10.85 23.13
CA ILE B 124 1.55 10.97 21.70
C ILE B 124 1.74 9.64 20.95
N ALA B 125 0.89 9.36 19.96
CA ALA B 125 1.04 8.18 19.14
C ALA B 125 1.68 8.54 17.82
N GLU B 126 1.18 9.57 17.16
CA GLU B 126 1.73 10.00 15.87
C GLU B 126 1.27 11.42 15.62
N CYS B 127 1.90 12.06 14.63
CA CYS B 127 1.71 13.49 14.36
C CYS B 127 1.75 13.67 12.86
N SER B 128 0.71 14.28 12.29
CA SER B 128 0.74 14.49 10.85
C SER B 128 1.68 15.63 10.47
N PRO B 129 2.03 15.74 9.22
CA PRO B 129 2.52 17.01 8.70
C PRO B 129 1.44 18.08 8.68
N ALA B 130 1.82 19.32 8.39
CA ALA B 130 0.80 20.37 8.33
C ALA B 130 -0.17 19.99 7.18
N VAL B 131 -1.45 20.07 7.48
CA VAL B 131 -2.53 19.73 6.52
C VAL B 131 -3.50 20.92 6.45
N CYS B 132 -4.10 21.17 5.29
CA CYS B 132 -4.93 22.36 5.16
C CYS B 132 -6.40 22.20 5.52
N MET B 133 -6.95 23.23 6.12
CA MET B 133 -8.28 23.24 6.60
C MET B 133 -9.35 23.46 5.53
N ASP B 134 -9.16 24.48 4.66
CA ASP B 134 -10.15 24.81 3.70
C ASP B 134 -9.43 25.58 2.58
N PRO B 135 -8.67 24.86 1.73
CA PRO B 135 -7.60 25.57 0.94
C PRO B 135 -8.15 26.43 -0.20
N GLY B 136 -9.43 26.26 -0.60
CA GLY B 136 -10.10 27.18 -1.51
C GLY B 136 -10.45 28.51 -0.89
N LEU B 137 -10.38 28.58 0.43
CA LEU B 137 -10.75 29.79 1.14
C LEU B 137 -9.61 30.39 1.91
N SER B 138 -8.80 29.60 2.62
CA SER B 138 -7.82 30.11 3.56
C SER B 138 -6.49 29.39 3.49
N ASN B 139 -5.47 29.97 4.15
CA ASN B 139 -4.21 29.27 4.26
C ASN B 139 -4.07 28.47 5.52
N CYS B 140 -5.21 28.28 6.24
CA CYS B 140 -5.16 27.69 7.57
C CYS B 140 -4.71 26.26 7.51
N THR B 141 -3.79 25.92 8.41
CA THR B 141 -3.31 24.58 8.57
C THR B 141 -3.21 24.15 9.99
N ILE B 142 -3.27 22.82 10.17
CA ILE B 142 -3.11 22.17 11.44
C ILE B 142 -2.23 20.97 11.35
N HIS B 143 -1.70 20.53 12.52
CA HIS B 143 -1.20 19.16 12.63
C HIS B 143 -2.29 18.33 13.34
N ILE B 144 -2.62 17.18 12.77
CA ILE B 144 -3.51 16.22 13.40
C ILE B 144 -2.60 15.32 14.23
N VAL B 145 -2.85 15.27 15.52
CA VAL B 145 -2.03 14.52 16.44
C VAL B 145 -2.91 13.46 17.08
N THR B 146 -2.50 12.21 16.86
CA THR B 146 -3.16 11.05 17.43
C THR B 146 -2.56 10.82 18.80
N VAL B 147 -3.42 10.67 19.81
CA VAL B 147 -2.99 10.57 21.22
C VAL B 147 -3.79 9.48 21.84
N THR B 148 -3.14 8.62 22.59
CA THR B 148 -3.89 7.62 23.35
C THR B 148 -4.02 8.09 24.79
N ILE B 149 -5.09 7.69 25.46
CA ILE B 149 -5.35 8.11 26.83
C ILE B 149 -5.56 6.83 27.63
N ASN B 150 -4.71 6.59 28.61
CA ASN B 150 -4.91 5.39 29.45
C ASN B 150 -5.90 5.77 30.49
N GLY B 151 -7.18 5.40 30.25
CA GLY B 151 -8.27 5.82 31.07
C GLY B 151 -8.29 5.07 32.43
N ASP B 152 -7.42 4.11 32.61
CA ASP B 152 -7.37 3.29 33.83
C ASP B 152 -6.34 3.90 34.82
N ASP B 153 -5.52 4.84 34.35
CA ASP B 153 -4.52 5.51 35.19
C ASP B 153 -5.23 6.46 36.10
N ALA B 154 -4.70 6.62 37.32
CA ALA B 154 -5.27 7.52 38.30
C ALA B 154 -5.40 8.98 37.84
N GLU B 155 -4.47 9.46 37.02
CA GLU B 155 -4.49 10.88 36.61
C GLU B 155 -5.68 11.18 35.66
N ASN B 156 -6.20 10.13 35.02
CA ASN B 156 -7.41 10.24 34.15
C ASN B 156 -8.69 9.70 34.79
N ALA B 157 -8.67 9.47 36.11
CA ALA B 157 -9.85 9.04 36.85
C ALA B 157 -10.95 10.09 36.84
N ARG B 158 -10.62 11.26 37.37
CA ARG B 158 -11.54 12.41 37.42
C ARG B 158 -10.87 13.52 36.62
N PRO B 159 -10.98 13.46 35.27
CA PRO B 159 -10.22 14.42 34.45
C PRO B 159 -10.63 15.87 34.75
N LYS B 160 -9.67 16.73 35.10
CA LYS B 160 -9.91 18.15 35.38
C LYS B 160 -9.77 19.11 34.15
N PRO B 161 -10.86 19.42 33.41
CA PRO B 161 -10.74 20.39 32.29
C PRO B 161 -10.48 21.82 32.75
N LYS B 162 -9.42 22.44 32.23
CA LYS B 162 -8.99 23.79 32.60
C LYS B 162 -9.31 24.80 31.49
N PRO B 163 -10.56 25.27 31.42
CA PRO B 163 -10.89 26.26 30.40
C PRO B 163 -10.13 27.56 30.57
N GLY B 164 -9.53 28.05 29.49
CA GLY B 164 -9.03 29.42 29.45
C GLY B 164 -10.20 30.41 29.51
N ASP B 165 -9.84 31.70 29.56
CA ASP B 165 -10.84 32.78 29.45
C ASP B 165 -11.69 32.60 28.19
N GLY B 166 -13.02 32.68 28.34
CA GLY B 166 -13.94 32.59 27.19
C GLY B 166 -14.03 31.25 26.44
N GLU B 167 -13.52 30.17 27.03
CA GLU B 167 -13.76 28.82 26.51
C GLU B 167 -14.72 28.13 27.44
N PHE B 168 -15.69 27.44 26.84
CA PHE B 168 -16.74 26.75 27.58
C PHE B 168 -17.02 25.45 26.82
N VAL B 169 -16.34 24.40 27.27
CA VAL B 169 -16.21 23.16 26.50
C VAL B 169 -16.88 21.99 27.22
N GLU B 170 -17.76 21.27 26.49
CA GLU B 170 -18.35 20.02 26.96
C GLU B 170 -17.60 18.85 26.32
N VAL B 171 -17.42 17.77 27.08
CA VAL B 171 -16.67 16.61 26.60
C VAL B 171 -17.70 15.53 26.23
N ILE B 172 -17.53 14.95 25.04
CA ILE B 172 -18.44 13.87 24.58
C ILE B 172 -17.54 12.75 24.06
N SER B 173 -17.56 11.61 24.79
CA SER B 173 -16.84 10.41 24.43
C SER B 173 -17.70 9.37 23.75
N LEU B 174 -17.32 9.00 22.53
CA LEU B 174 -18.12 8.11 21.74
C LEU B 174 -17.34 6.90 21.36
N PRO B 175 -17.98 5.71 21.33
CA PRO B 175 -17.21 4.54 20.94
C PRO B 175 -16.68 4.58 19.50
N LYS B 176 -15.39 4.28 19.30
CA LYS B 176 -14.75 4.32 18.00
C LYS B 176 -15.47 3.37 17.06
N ASN B 177 -15.82 2.16 17.57
CA ASN B 177 -16.49 1.17 16.68
C ASN B 177 -17.86 1.52 16.12
N ASP B 178 -18.54 2.54 16.64
CA ASP B 178 -19.86 2.93 16.13
C ASP B 178 -19.90 4.43 15.84
N LEU B 179 -18.71 5.03 15.64
CA LEU B 179 -18.60 6.49 15.70
C LEU B 179 -19.57 7.20 14.78
N LEU B 180 -19.61 6.79 13.51
CA LEU B 180 -20.44 7.45 12.54
C LEU B 180 -21.94 7.45 12.88
N GLN B 181 -22.43 6.28 13.32
CA GLN B 181 -23.84 6.20 13.76
C GLN B 181 -24.12 7.03 15.01
N ARG B 182 -23.19 7.06 15.96
CA ARG B 182 -23.36 7.91 17.12
C ARG B 182 -23.39 9.40 16.81
N LEU B 183 -22.55 9.85 15.86
CA LEU B 183 -22.58 11.24 15.47
C LEU B 183 -23.87 11.62 14.74
N ASP B 184 -24.25 10.78 13.80
CA ASP B 184 -25.54 10.99 13.08
C ASP B 184 -26.69 11.15 14.08
N ALA B 185 -26.65 10.32 15.12
CA ALA B 185 -27.67 10.39 16.18
C ALA B 185 -27.67 11.71 16.92
N LEU B 186 -26.49 12.24 17.25
CA LEU B 186 -26.44 13.54 17.90
C LEU B 186 -26.94 14.66 17.02
N VAL B 187 -26.59 14.62 15.74
CA VAL B 187 -27.08 15.58 14.77
C VAL B 187 -28.62 15.55 14.67
N ALA B 188 -29.20 14.35 14.64
CA ALA B 188 -30.66 14.19 14.52
C ALA B 188 -31.41 14.70 15.77
N GLU B 189 -30.86 14.47 16.95
CA GLU B 189 -31.57 14.80 18.19
C GLU B 189 -31.23 16.16 18.76
N GLU B 190 -29.94 16.52 18.73
CA GLU B 190 -29.39 17.67 19.46
C GLU B 190 -29.17 18.95 18.57
N HIS B 191 -29.58 18.93 17.29
CA HIS B 191 -29.30 20.04 16.32
C HIS B 191 -27.89 20.70 16.44
N LEU B 192 -26.86 19.87 16.35
CA LEU B 192 -25.45 20.21 16.40
C LEU B 192 -24.83 20.08 14.99
N THR B 193 -23.69 20.72 14.76
CA THR B 193 -22.94 20.52 13.52
C THR B 193 -21.67 19.74 13.84
N VAL B 194 -21.47 18.61 13.17
CA VAL B 194 -20.26 17.84 13.31
C VAL B 194 -19.20 18.45 12.41
N ASP B 195 -17.96 18.49 12.92
CA ASP B 195 -16.82 18.91 12.17
C ASP B 195 -16.46 17.99 11.03
N ALA B 196 -16.00 18.53 9.88
CA ALA B 196 -15.74 17.71 8.70
C ALA B 196 -14.61 16.73 8.90
N ARG B 197 -13.62 17.09 9.72
CA ARG B 197 -12.55 16.16 9.96
C ARG B 197 -13.05 14.97 10.83
N VAL B 198 -13.79 15.29 11.86
CA VAL B 198 -14.39 14.24 12.71
C VAL B 198 -15.25 13.31 11.80
N TYR B 199 -16.12 13.91 11.00
CA TYR B 199 -17.00 13.13 10.13
C TYR B 199 -16.19 12.26 9.13
N SER B 200 -15.13 12.79 8.53
CA SER B 200 -14.29 12.07 7.61
C SER B 200 -13.64 10.85 8.28
N TYR B 201 -13.15 11.09 9.49
CA TYR B 201 -12.53 10.00 10.31
C TYR B 201 -13.59 8.91 10.55
N ALA B 202 -14.77 9.33 10.94
CA ALA B 202 -15.87 8.39 11.26
C ALA B 202 -16.30 7.57 10.04
N LEU B 203 -16.36 8.24 8.88
CA LEU B 203 -16.68 7.55 7.64
C LEU B 203 -15.68 6.49 7.33
N ALA B 204 -14.39 6.84 7.38
CA ALA B 204 -13.33 5.86 7.11
C ALA B 204 -13.32 4.71 8.06
N LEU B 205 -13.65 4.92 9.33
CA LEU B 205 -13.78 3.73 10.28
C LEU B 205 -14.79 2.73 9.70
N LYS B 206 -15.89 3.22 9.14
CA LYS B 206 -16.89 2.33 8.53
C LYS B 206 -16.41 1.76 7.20
N HIS B 207 -15.85 2.61 6.35
CA HIS B 207 -15.35 2.18 5.03
C HIS B 207 -14.10 1.22 5.00
N ALA B 208 -13.35 1.16 6.10
CA ALA B 208 -12.19 0.26 6.16
C ALA B 208 -12.59 -1.23 5.94
N ASN B 209 -11.67 -1.87 5.24
CA ASN B 209 -11.46 -3.33 5.00
C ASN B 209 -12.17 -3.74 3.72
N GLN C 16 -11.91 -15.93 -13.98
CA GLN C 16 -11.74 -17.32 -13.42
C GLN C 16 -11.77 -17.29 -11.89
N TYR C 17 -12.14 -18.41 -11.27
CA TYR C 17 -12.26 -18.47 -9.83
C TYR C 17 -12.35 -19.88 -9.33
N ILE C 18 -12.08 -20.05 -8.04
CA ILE C 18 -12.13 -21.34 -7.37
C ILE C 18 -13.56 -21.70 -7.04
N ILE C 19 -13.98 -22.91 -7.42
CA ILE C 19 -15.33 -23.43 -7.07
C ILE C 19 -15.23 -24.24 -5.77
N SER C 20 -14.23 -25.11 -5.65
CA SER C 20 -14.05 -25.91 -4.43
C SER C 20 -12.66 -26.52 -4.33
N GLU C 21 -12.23 -26.72 -3.09
CA GLU C 21 -10.95 -27.34 -2.75
C GLU C 21 -11.30 -28.58 -1.93
N GLU C 22 -10.95 -29.75 -2.46
CA GLU C 22 -11.29 -31.05 -1.90
C GLU C 22 -10.01 -31.76 -1.46
N LEU C 23 -9.98 -32.16 -0.18
CA LEU C 23 -8.79 -32.70 0.44
C LEU C 23 -8.48 -34.17 0.09
N ILE C 24 -7.42 -34.42 -0.69
CA ILE C 24 -6.97 -35.79 -1.05
C ILE C 24 -6.09 -36.50 0.02
N SER C 25 -4.98 -35.91 0.46
CA SER C 25 -4.21 -36.44 1.63
C SER C 25 -3.55 -35.31 2.38
N GLU C 26 -3.36 -35.48 3.68
CA GLU C 26 -2.84 -34.44 4.53
C GLU C 26 -1.90 -35.05 5.51
N GLY C 27 -0.61 -34.73 5.40
CA GLY C 27 0.40 -35.18 6.34
C GLY C 27 0.62 -34.14 7.43
N LYS C 28 1.73 -34.23 8.16
CA LYS C 28 2.14 -33.18 9.15
C LYS C 28 2.54 -31.82 8.54
N TRP C 29 3.17 -31.84 7.36
CA TRP C 29 3.74 -30.62 6.75
C TRP C 29 3.05 -30.17 5.48
N VAL C 30 2.46 -31.10 4.73
CA VAL C 30 1.99 -30.82 3.35
C VAL C 30 0.64 -31.51 3.11
N LYS C 31 -0.16 -31.01 2.16
CA LYS C 31 -1.38 -31.68 1.76
C LYS C 31 -1.55 -31.59 0.28
N LEU C 32 -2.34 -32.51 -0.26
CA LEU C 32 -2.62 -32.57 -1.66
C LEU C 32 -4.12 -32.29 -1.78
N GLU C 33 -4.54 -31.56 -2.82
CA GLU C 33 -5.95 -31.21 -3.02
C GLU C 33 -6.44 -31.27 -4.46
N LYS C 34 -7.74 -31.53 -4.57
CA LYS C 34 -8.43 -31.52 -5.86
C LYS C 34 -9.05 -30.15 -5.90
N THR C 35 -8.63 -29.35 -6.87
CA THR C 35 -9.09 -27.97 -6.99
C THR C 35 -10.03 -27.96 -8.17
N THR C 36 -11.23 -27.39 -8.01
CA THR C 36 -12.13 -27.29 -9.17
C THR C 36 -12.39 -25.81 -9.40
N TYR C 37 -12.28 -25.38 -10.66
CA TYR C 37 -12.25 -23.95 -11.01
C TYR C 37 -13.04 -23.65 -12.29
N MET C 38 -13.60 -22.44 -12.39
CA MET C 38 -14.26 -22.02 -13.63
C MET C 38 -13.22 -21.44 -14.54
N ASP C 39 -13.12 -21.97 -15.75
CA ASP C 39 -12.26 -21.35 -16.77
C ASP C 39 -12.89 -20.13 -17.36
N PRO C 40 -12.16 -19.45 -18.26
CA PRO C 40 -12.63 -18.16 -18.79
C PRO C 40 -13.84 -18.27 -19.76
N THR C 41 -13.95 -19.38 -20.48
CA THR C 41 -15.11 -19.61 -21.38
C THR C 41 -16.39 -20.02 -20.62
N GLY C 42 -16.29 -20.42 -19.35
CA GLY C 42 -17.43 -20.94 -18.55
C GLY C 42 -17.42 -22.45 -18.28
N LYS C 43 -16.38 -23.16 -18.76
CA LYS C 43 -16.16 -24.56 -18.50
C LYS C 43 -15.52 -24.76 -17.11
N THR C 44 -16.17 -25.59 -16.30
CA THR C 44 -15.62 -26.06 -15.03
C THR C 44 -14.42 -27.01 -15.35
N ARG C 45 -13.29 -26.88 -14.63
CA ARG C 45 -12.11 -27.74 -14.83
C ARG C 45 -11.54 -28.12 -13.50
N THR C 46 -10.56 -29.03 -13.49
CA THR C 46 -9.96 -29.46 -12.25
C THR C 46 -8.39 -29.43 -12.30
N TRP C 47 -7.80 -29.42 -11.10
CA TRP C 47 -6.33 -29.28 -10.94
C TRP C 47 -5.89 -29.98 -9.67
N GLU C 48 -4.69 -30.57 -9.72
CA GLU C 48 -4.02 -31.18 -8.56
C GLU C 48 -3.10 -30.11 -7.89
N SER C 49 -3.47 -29.69 -6.69
CA SER C 49 -2.83 -28.56 -5.97
C SER C 49 -2.18 -29.05 -4.69
N VAL C 50 -0.99 -28.55 -4.40
CA VAL C 50 -0.31 -28.80 -3.15
C VAL C 50 -0.28 -27.55 -2.29
N LYS C 51 -0.42 -27.72 -0.96
CA LYS C 51 -0.40 -26.65 0.02
C LYS C 51 0.34 -27.11 1.29
N ARG C 52 1.06 -26.22 1.97
CA ARG C 52 1.64 -26.58 3.28
C ARG C 52 0.56 -26.49 4.32
N THR C 53 0.77 -27.16 5.44
CA THR C 53 -0.24 -27.21 6.53
C THR C 53 -0.04 -26.12 7.58
N THR C 54 1.17 -25.56 7.57
CA THR C 54 1.77 -24.78 8.62
C THR C 54 1.33 -23.29 8.57
N ARG C 55 0.72 -22.80 7.48
CA ARG C 55 0.49 -21.35 7.28
C ARG C 55 -0.69 -20.77 8.09
N LYS C 56 -0.38 -19.96 9.10
CA LYS C 56 -1.37 -19.24 9.92
C LYS C 56 -1.75 -17.88 9.29
N GLN C 58 0.53 -15.80 8.79
CA GLN C 58 1.70 -15.24 8.14
C GLN C 58 1.35 -14.65 6.78
N THR C 59 2.12 -13.62 6.37
CA THR C 59 2.02 -13.00 5.03
C THR C 59 2.43 -13.95 3.86
N ALA C 60 3.12 -15.01 4.25
CA ALA C 60 3.67 -16.02 3.36
C ALA C 60 4.12 -17.20 4.22
N ASP C 61 4.44 -18.30 3.56
CA ASP C 61 4.90 -19.46 4.26
C ASP C 61 6.27 -19.21 4.84
N GLY C 62 7.14 -18.63 3.99
CA GLY C 62 8.56 -18.54 4.38
C GLY C 62 9.23 -17.27 3.98
N VAL C 63 10.51 -17.22 4.29
CA VAL C 63 11.37 -16.13 3.75
C VAL C 63 12.61 -16.78 3.09
N ALA C 64 13.17 -16.08 2.12
CA ALA C 64 14.45 -16.42 1.54
C ALA C 64 15.26 -15.13 1.62
N VAL C 65 16.53 -15.24 2.01
CA VAL C 65 17.32 -14.11 2.36
C VAL C 65 18.37 -14.00 1.28
N ILE C 66 18.44 -12.85 0.63
CA ILE C 66 19.56 -12.54 -0.28
C ILE C 66 20.63 -11.79 0.54
N PRO C 67 21.71 -12.46 1.02
CA PRO C 67 22.63 -11.85 2.01
C PRO C 67 23.87 -11.35 1.30
N VAL C 68 23.99 -10.03 1.25
CA VAL C 68 25.01 -9.39 0.51
C VAL C 68 26.12 -9.01 1.54
N LEU C 69 27.21 -9.76 1.42
CA LEU C 69 28.39 -9.55 2.27
C LEU C 69 29.22 -8.40 1.70
N GLN C 70 29.29 -7.31 2.44
CA GLN C 70 29.94 -6.06 2.08
C GLN C 70 31.18 -5.81 2.91
N ARG C 71 32.25 -5.49 2.23
CA ARG C 71 33.56 -5.34 2.92
C ARG C 71 34.30 -4.26 2.25
N THR C 72 35.00 -3.47 3.06
CA THR C 72 35.74 -2.28 2.57
C THR C 72 36.63 -2.56 1.38
N LEU C 73 37.35 -3.66 1.49
CA LEU C 73 38.42 -3.97 0.54
C LEU C 73 38.04 -4.79 -0.64
N HIS C 74 36.78 -5.25 -0.70
CA HIS C 74 36.41 -6.31 -1.62
C HIS C 74 35.12 -6.00 -2.34
N TYR C 75 34.97 -6.69 -3.44
CA TYR C 75 33.69 -6.74 -4.14
C TYR C 75 32.74 -7.52 -3.25
N GLU C 76 31.46 -7.28 -3.45
CA GLU C 76 30.42 -7.94 -2.65
C GLU C 76 30.40 -9.43 -2.93
N CYS C 77 29.97 -10.19 -1.91
CA CYS C 77 29.67 -11.61 -2.08
C CYS C 77 28.23 -11.85 -1.77
N ILE C 78 27.72 -12.92 -2.34
CA ILE C 78 26.38 -13.44 -2.02
C ILE C 78 26.63 -14.66 -1.14
N VAL C 79 25.96 -14.70 0.00
CA VAL C 79 26.14 -15.81 0.98
C VAL C 79 25.05 -16.85 0.71
N LEU C 80 25.41 -18.09 0.46
CA LEU C 80 24.45 -19.16 0.12
C LEU C 80 24.70 -20.30 1.08
N VAL C 81 23.74 -21.20 1.12
CA VAL C 81 23.88 -22.43 1.91
C VAL C 81 23.74 -23.65 1.08
N LYS C 82 24.51 -24.69 1.46
CA LYS C 82 24.41 -25.99 0.86
C LYS C 82 23.92 -26.95 1.97
N GLN C 83 22.90 -27.67 1.59
CA GLN C 83 22.29 -28.67 2.44
C GLN C 83 21.72 -29.83 1.68
N PHE C 84 21.66 -30.97 2.39
CA PHE C 84 20.96 -32.09 1.87
C PHE C 84 19.46 -31.85 1.97
N ARG C 85 18.74 -32.10 0.90
CA ARG C 85 17.27 -31.87 0.79
C ARG C 85 16.62 -33.18 0.44
N PRO C 86 15.88 -33.77 1.44
CA PRO C 86 15.35 -35.12 1.14
C PRO C 86 14.46 -35.29 -0.07
N PRO C 87 13.62 -34.28 -0.42
CA PRO C 87 12.83 -34.40 -1.60
C PRO C 87 13.65 -34.48 -2.90
N MET C 88 14.83 -33.87 -2.91
CA MET C 88 15.71 -33.95 -4.06
C MET C 88 16.63 -35.14 -4.03
N GLY C 89 16.71 -35.82 -2.89
CA GLY C 89 17.71 -36.89 -2.71
C GLY C 89 19.16 -36.52 -2.97
N GLY C 90 19.45 -35.25 -2.72
CA GLY C 90 20.81 -34.75 -2.81
C GLY C 90 20.94 -33.36 -2.32
N TYR C 91 22.12 -32.81 -2.56
CA TYR C 91 22.53 -31.52 -2.02
C TYR C 91 22.12 -30.40 -2.93
N CYS C 92 21.68 -29.31 -2.26
CA CYS C 92 21.25 -28.10 -2.98
C CYS C 92 21.92 -26.89 -2.51
N ILE C 93 22.13 -25.91 -3.43
CA ILE C 93 22.70 -24.64 -3.13
C ILE C 93 21.54 -23.59 -3.21
N GLU C 94 21.34 -22.91 -2.11
CA GLU C 94 20.12 -22.03 -1.96
C GLU C 94 20.48 -20.78 -1.22
N PHE C 95 19.59 -19.78 -1.32
CA PHE C 95 19.59 -18.74 -0.34
C PHE C 95 19.23 -19.29 1.07
N PRO C 96 19.80 -18.71 2.10
CA PRO C 96 19.33 -19.01 3.49
C PRO C 96 17.83 -18.77 3.55
N ALA C 97 17.11 -19.67 4.20
CA ALA C 97 15.67 -19.63 4.13
C ALA C 97 15.05 -20.40 5.27
N GLY C 98 13.84 -20.01 5.66
CA GLY C 98 13.07 -20.88 6.57
C GLY C 98 11.65 -20.37 6.71
N LEU C 99 10.79 -21.18 7.33
CA LEU C 99 9.39 -20.75 7.53
C LEU C 99 9.31 -19.61 8.53
N ILE C 100 8.34 -18.71 8.32
CA ILE C 100 8.04 -17.62 9.27
C ILE C 100 7.29 -18.17 10.50
N ASP C 101 7.87 -18.02 11.69
CA ASP C 101 7.19 -18.44 12.94
C ASP C 101 5.92 -17.61 13.09
N ASP C 102 4.92 -18.16 13.77
CA ASP C 102 3.66 -17.41 14.00
C ASP C 102 3.98 -16.28 15.00
N GLY C 103 3.47 -15.09 14.70
CA GLY C 103 3.79 -13.86 15.47
C GLY C 103 5.04 -13.11 14.98
N GLU C 104 5.79 -13.67 14.03
CA GLU C 104 7.07 -13.12 13.58
C GLU C 104 6.92 -12.34 12.30
N THR C 105 7.57 -11.18 12.18
CA THR C 105 7.58 -10.46 10.91
C THR C 105 8.48 -11.22 9.88
N PRO C 106 8.24 -11.01 8.57
CA PRO C 106 9.21 -11.58 7.61
C PRO C 106 10.63 -11.05 7.84
N GLU C 107 10.75 -9.76 8.21
CA GLU C 107 12.05 -9.18 8.41
C GLU C 107 12.79 -9.87 9.60
N ALA C 108 12.09 -10.19 10.68
CA ALA C 108 12.71 -10.78 11.86
C ALA C 108 13.10 -12.24 11.50
N ALA C 109 12.19 -12.94 10.84
CA ALA C 109 12.43 -14.29 10.30
C ALA C 109 13.72 -14.30 9.47
N ALA C 110 13.86 -13.30 8.62
CA ALA C 110 15.03 -13.29 7.74
C ALA C 110 16.35 -13.15 8.55
N LEU C 111 16.42 -12.19 9.47
CA LEU C 111 17.63 -12.01 10.27
C LEU C 111 17.92 -13.22 11.15
N ARG C 112 16.85 -13.81 11.67
CA ARG C 112 16.99 -15.02 12.51
C ARG C 112 17.52 -16.21 11.72
N GLU C 113 16.88 -16.51 10.59
CA GLU C 113 17.33 -17.62 9.72
C GLU C 113 18.73 -17.36 9.19
N LEU C 114 19.01 -16.10 8.83
CA LEU C 114 20.36 -15.81 8.33
C LEU C 114 21.39 -16.14 9.42
N GLU C 115 21.18 -15.60 10.61
CA GLU C 115 22.10 -15.87 11.72
C GLU C 115 22.23 -17.37 12.05
N GLU C 116 21.10 -18.09 12.13
CA GLU C 116 21.10 -19.54 12.42
C GLU C 116 21.90 -20.35 11.41
N GLU C 117 21.65 -20.04 10.13
CA GLU C 117 22.17 -20.85 9.06
C GLU C 117 23.60 -20.50 8.63
N THR C 118 23.99 -19.26 8.83
CA THR C 118 25.30 -18.80 8.40
C THR C 118 26.21 -18.20 9.51
N GLY C 119 25.65 -17.83 10.67
CA GLY C 119 26.31 -17.05 11.67
C GLY C 119 26.44 -15.56 11.48
N TYR C 120 26.14 -15.05 10.26
CA TYR C 120 26.20 -13.65 10.02
C TYR C 120 25.09 -12.84 10.72
N LYS C 121 25.46 -11.70 11.26
CA LYS C 121 24.51 -10.72 11.70
C LYS C 121 24.29 -9.63 10.62
N GLY C 122 23.08 -9.53 10.07
CA GLY C 122 22.82 -8.58 9.01
C GLY C 122 21.86 -7.49 9.35
N ASP C 123 21.61 -6.65 8.36
CA ASP C 123 20.74 -5.49 8.48
C ASP C 123 19.74 -5.58 7.31
N ILE C 124 18.43 -5.40 7.58
CA ILE C 124 17.45 -5.43 6.49
C ILE C 124 17.72 -4.31 5.50
N ALA C 125 17.70 -4.64 4.20
CA ALA C 125 17.76 -3.66 3.12
C ALA C 125 16.40 -3.48 2.46
N GLU C 126 15.71 -4.56 2.20
CA GLU C 126 14.44 -4.47 1.44
C GLU C 126 13.70 -5.80 1.66
N CYS C 127 12.38 -5.78 1.48
CA CYS C 127 11.57 -6.99 1.66
C CYS C 127 10.50 -7.02 0.56
N SER C 128 10.46 -8.10 -0.21
CA SER C 128 9.52 -8.22 -1.33
C SER C 128 8.13 -8.41 -0.81
N PRO C 129 7.15 -8.17 -1.71
CA PRO C 129 5.85 -8.75 -1.41
C PRO C 129 5.88 -10.29 -1.39
N ALA C 130 4.78 -10.94 -0.94
CA ALA C 130 4.66 -12.41 -1.10
C ALA C 130 4.69 -12.82 -2.56
N VAL C 131 5.62 -13.74 -2.89
CA VAL C 131 5.92 -14.14 -4.26
C VAL C 131 5.78 -15.68 -4.28
N CYS C 132 5.24 -16.19 -5.39
CA CYS C 132 4.87 -17.58 -5.49
C CYS C 132 6.16 -18.41 -5.84
N MET C 133 6.22 -19.59 -5.28
CA MET C 133 7.32 -20.56 -5.55
C MET C 133 7.20 -21.44 -6.79
N ASP C 134 6.01 -21.95 -7.08
CA ASP C 134 5.83 -22.89 -8.16
C ASP C 134 4.31 -22.93 -8.37
N PRO C 135 3.80 -21.84 -8.97
CA PRO C 135 2.33 -21.66 -8.86
C PRO C 135 1.43 -22.64 -9.69
N GLY C 136 2.01 -23.33 -10.68
CA GLY C 136 1.32 -24.40 -11.46
C GLY C 136 1.14 -25.65 -10.59
N LEU C 137 1.79 -25.68 -9.45
CA LEU C 137 1.76 -26.82 -8.56
C LEU C 137 1.31 -26.55 -7.18
N SER C 138 1.77 -25.49 -6.52
CA SER C 138 1.52 -25.27 -5.11
C SER C 138 1.10 -23.83 -4.89
N ASN C 139 0.55 -23.56 -3.72
CA ASN C 139 0.23 -22.18 -3.27
C ASN C 139 1.36 -21.53 -2.50
N CYS C 140 2.51 -22.21 -2.42
CA CYS C 140 3.56 -21.76 -1.51
C CYS C 140 4.16 -20.42 -1.86
N THR C 141 4.36 -19.61 -0.84
CA THR C 141 4.86 -18.22 -1.03
C THR C 141 5.98 -17.92 -0.05
N ILE C 142 6.82 -16.99 -0.48
CA ILE C 142 7.82 -16.43 0.42
C ILE C 142 7.86 -14.93 0.29
N HIS C 143 8.53 -14.28 1.26
CA HIS C 143 9.09 -13.00 1.01
C HIS C 143 10.61 -13.18 0.77
N ILE C 144 11.09 -12.47 -0.24
CA ILE C 144 12.50 -12.42 -0.62
C ILE C 144 13.02 -11.16 0.10
N VAL C 145 13.89 -11.38 1.08
CA VAL C 145 14.36 -10.31 1.94
C VAL C 145 15.88 -10.08 1.67
N THR C 146 16.20 -8.90 1.21
CA THR C 146 17.56 -8.52 0.89
C THR C 146 18.18 -8.02 2.17
N VAL C 147 19.36 -8.59 2.53
CA VAL C 147 19.94 -8.29 3.84
C VAL C 147 21.39 -7.94 3.61
N THR C 148 21.88 -6.84 4.18
CA THR C 148 23.33 -6.50 4.00
C THR C 148 24.09 -7.00 5.23
N ILE C 149 25.30 -7.52 5.05
CA ILE C 149 26.12 -7.97 6.16
C ILE C 149 27.40 -7.12 6.13
N ASN C 150 27.71 -6.40 7.22
CA ASN C 150 28.99 -5.68 7.35
C ASN C 150 30.06 -6.70 7.70
N GLY C 151 30.77 -7.13 6.69
CA GLY C 151 31.82 -8.14 6.84
C GLY C 151 33.02 -7.63 7.59
N ASP C 152 33.19 -6.35 7.76
CA ASP C 152 34.31 -5.72 8.47
C ASP C 152 34.00 -5.44 9.92
N ASP C 153 32.78 -5.69 10.37
CA ASP C 153 32.47 -5.52 11.78
C ASP C 153 33.04 -6.67 12.52
N ALA C 154 33.67 -6.34 13.65
CA ALA C 154 34.24 -7.36 14.48
C ALA C 154 33.22 -8.46 14.84
N GLU C 155 31.97 -8.07 15.09
CA GLU C 155 30.96 -9.08 15.36
C GLU C 155 30.72 -10.11 14.24
N ASN C 156 31.07 -9.77 12.99
CA ASN C 156 31.01 -10.73 11.92
C ASN C 156 32.34 -11.40 11.52
N ALA C 157 33.38 -11.22 12.36
CA ALA C 157 34.70 -11.82 12.05
C ALA C 157 34.75 -13.35 11.98
N ARG C 158 34.01 -14.03 12.85
CA ARG C 158 34.11 -15.49 12.94
C ARG C 158 32.71 -16.05 12.97
N PRO C 159 31.93 -15.80 11.90
CA PRO C 159 30.57 -16.31 11.94
C PRO C 159 30.51 -17.84 12.16
N LYS C 160 29.64 -18.26 13.07
CA LYS C 160 29.42 -19.67 13.36
C LYS C 160 27.92 -19.92 13.22
N PRO C 161 27.51 -20.74 12.24
CA PRO C 161 26.10 -21.05 12.22
C PRO C 161 25.70 -21.64 13.56
N LYS C 162 24.45 -21.43 13.95
CA LYS C 162 23.87 -22.08 15.14
C LYS C 162 22.63 -22.82 14.65
N PRO C 163 22.82 -23.99 14.04
CA PRO C 163 21.70 -24.64 13.37
C PRO C 163 20.84 -25.39 14.36
N GLY C 164 19.58 -25.61 13.98
CA GLY C 164 18.66 -26.42 14.80
C GLY C 164 19.09 -27.88 14.77
N ASP C 165 18.65 -28.65 15.76
CA ASP C 165 18.68 -30.12 15.68
C ASP C 165 18.14 -30.57 14.31
N GLY C 166 18.85 -31.45 13.62
CA GLY C 166 18.44 -31.86 12.28
C GLY C 166 18.73 -30.90 11.12
N GLU C 167 19.20 -29.68 11.39
CA GLU C 167 19.68 -28.80 10.32
C GLU C 167 21.20 -28.96 10.23
N PHE C 168 21.68 -29.22 9.01
CA PHE C 168 23.11 -29.40 8.70
C PHE C 168 23.40 -28.55 7.48
N VAL C 169 24.15 -27.48 7.68
CA VAL C 169 24.29 -26.44 6.65
C VAL C 169 25.73 -26.04 6.54
N GLU C 170 26.19 -25.89 5.30
CA GLU C 170 27.51 -25.43 4.97
C GLU C 170 27.30 -24.14 4.23
N VAL C 171 28.14 -23.19 4.55
CA VAL C 171 28.08 -21.84 4.00
C VAL C 171 29.07 -21.72 2.87
N ILE C 172 28.58 -21.13 1.77
CA ILE C 172 29.40 -20.82 0.66
C ILE C 172 29.13 -19.33 0.32
N SER C 173 30.18 -18.55 0.21
CA SER C 173 30.08 -17.13 -0.18
C SER C 173 30.75 -16.95 -1.56
N LEU C 174 29.99 -16.45 -2.53
CA LEU C 174 30.48 -16.33 -3.93
C LEU C 174 30.41 -14.89 -4.38
N PRO C 175 31.36 -14.40 -5.20
CA PRO C 175 31.41 -12.98 -5.55
C PRO C 175 30.19 -12.65 -6.41
N LYS C 176 29.51 -11.57 -6.05
CA LYS C 176 28.33 -11.13 -6.77
C LYS C 176 28.64 -10.90 -8.28
N ASN C 177 29.82 -10.34 -8.54
CA ASN C 177 30.22 -10.02 -9.93
C ASN C 177 30.65 -11.21 -10.78
N ASP C 178 30.64 -12.40 -10.23
CA ASP C 178 30.94 -13.61 -11.00
C ASP C 178 30.05 -14.78 -10.56
N LEU C 179 28.80 -14.48 -10.14
CA LEU C 179 28.00 -15.49 -9.45
C LEU C 179 27.66 -16.73 -10.28
N LEU C 180 27.18 -16.50 -11.51
CA LEU C 180 26.73 -17.54 -12.38
C LEU C 180 27.88 -18.53 -12.75
N GLN C 181 29.03 -17.98 -13.16
CA GLN C 181 30.23 -18.83 -13.46
C GLN C 181 30.70 -19.61 -12.23
N ARG C 182 30.65 -18.97 -11.09
CA ARG C 182 31.01 -19.65 -9.86
C ARG C 182 30.03 -20.72 -9.43
N LEU C 183 28.73 -20.50 -9.62
CA LEU C 183 27.76 -21.55 -9.45
C LEU C 183 27.99 -22.72 -10.47
N ASP C 184 28.19 -22.36 -11.73
CA ASP C 184 28.59 -23.33 -12.77
C ASP C 184 29.76 -24.19 -12.33
N ALA C 185 30.78 -23.59 -11.75
CA ALA C 185 32.01 -24.32 -11.36
C ALA C 185 31.80 -25.20 -10.14
N LEU C 186 30.84 -24.87 -9.27
CA LEU C 186 30.43 -25.82 -8.21
C LEU C 186 29.67 -27.03 -8.70
N VAL C 187 28.71 -26.81 -9.61
CA VAL C 187 27.89 -27.81 -10.26
C VAL C 187 28.76 -28.83 -11.05
N ALA C 188 29.88 -28.37 -11.62
CA ALA C 188 30.85 -29.26 -12.33
C ALA C 188 31.70 -30.11 -11.41
N GLU C 189 32.11 -29.56 -10.27
CA GLU C 189 32.93 -30.28 -9.32
C GLU C 189 32.19 -31.44 -8.61
N GLU C 190 30.87 -31.30 -8.36
CA GLU C 190 30.10 -32.22 -7.50
C GLU C 190 28.70 -32.40 -8.05
N HIS C 191 27.96 -33.46 -7.68
CA HIS C 191 26.53 -33.41 -7.97
C HIS C 191 25.76 -32.65 -6.91
N LEU C 192 25.22 -31.55 -7.38
CA LEU C 192 24.52 -30.65 -6.52
C LEU C 192 23.65 -29.85 -7.43
N THR C 193 22.55 -29.37 -6.86
CA THR C 193 21.54 -28.69 -7.66
C THR C 193 21.45 -27.25 -7.15
N VAL C 194 21.47 -26.29 -8.07
CA VAL C 194 21.27 -24.90 -7.72
C VAL C 194 19.78 -24.56 -7.68
N ASP C 195 19.40 -23.81 -6.68
CA ASP C 195 18.02 -23.34 -6.56
C ASP C 195 17.62 -22.40 -7.72
N ALA C 196 16.36 -22.49 -8.14
CA ALA C 196 15.89 -21.69 -9.29
C ALA C 196 15.85 -20.21 -9.04
N ARG C 197 15.65 -19.80 -7.80
CA ARG C 197 15.72 -18.37 -7.45
C ARG C 197 17.12 -17.84 -7.42
N VAL C 198 18.03 -18.63 -6.85
CA VAL C 198 19.44 -18.32 -6.94
C VAL C 198 19.95 -18.20 -8.40
N TYR C 199 19.59 -19.13 -9.24
CA TYR C 199 20.01 -19.11 -10.61
C TYR C 199 19.44 -17.93 -11.38
N SER C 200 18.19 -17.61 -11.13
CA SER C 200 17.52 -16.48 -11.80
C SER C 200 18.21 -15.20 -11.40
N TYR C 201 18.58 -15.12 -10.11
CA TYR C 201 19.29 -13.96 -9.58
C TYR C 201 20.67 -13.84 -10.30
N ALA C 202 21.42 -14.95 -10.36
CA ALA C 202 22.73 -14.97 -11.03
C ALA C 202 22.63 -14.61 -12.52
N LEU C 203 21.56 -15.05 -13.16
CA LEU C 203 21.41 -14.74 -14.62
C LEU C 203 21.20 -13.24 -14.81
N ALA C 204 20.34 -12.67 -13.98
CA ALA C 204 20.10 -11.19 -14.14
C ALA C 204 21.35 -10.37 -13.83
N LEU C 205 22.13 -10.79 -12.82
CA LEU C 205 23.41 -10.12 -12.58
C LEU C 205 24.27 -10.11 -13.84
N LYS C 206 24.34 -11.22 -14.57
CA LYS C 206 25.11 -11.33 -15.83
C LYS C 206 24.46 -10.46 -16.92
N HIS C 207 23.14 -10.51 -16.99
CA HIS C 207 22.40 -9.76 -18.05
C HIS C 207 22.28 -8.28 -17.86
N ALA C 208 22.53 -7.81 -16.64
CA ALA C 208 22.48 -6.37 -16.40
C ALA C 208 23.65 -5.66 -17.16
N LYS D 15 27.88 -38.23 2.26
CA LYS D 15 27.76 -37.98 3.74
C LYS D 15 26.34 -38.33 4.21
N GLN D 16 25.30 -37.63 3.71
CA GLN D 16 23.89 -38.01 3.92
C GLN D 16 23.30 -38.78 2.73
N TYR D 17 22.21 -39.55 2.94
CA TYR D 17 21.58 -40.39 1.87
C TYR D 17 20.14 -40.76 2.12
N ILE D 18 19.46 -41.12 1.03
CA ILE D 18 18.07 -41.59 1.02
C ILE D 18 18.11 -43.09 1.44
N ILE D 19 17.42 -43.43 2.52
CA ILE D 19 17.29 -44.83 3.01
C ILE D 19 16.08 -45.45 2.26
N SER D 20 14.93 -44.74 2.18
CA SER D 20 13.74 -45.25 1.50
C SER D 20 12.67 -44.19 1.18
N GLU D 21 11.78 -44.55 0.28
CA GLU D 21 10.74 -43.70 -0.31
C GLU D 21 9.37 -44.41 -0.33
N GLU D 22 8.50 -44.05 0.62
CA GLU D 22 7.16 -44.65 0.75
C GLU D 22 6.07 -43.80 0.08
N LEU D 23 5.41 -44.34 -0.93
CA LEU D 23 4.28 -43.66 -1.58
C LEU D 23 3.16 -43.51 -0.58
N ILE D 24 2.75 -42.27 -0.32
CA ILE D 24 1.60 -41.97 0.55
C ILE D 24 0.34 -41.74 -0.29
N SER D 25 0.43 -41.03 -1.41
CA SER D 25 -0.72 -40.88 -2.30
C SER D 25 -0.30 -40.30 -3.65
N GLU D 26 -0.97 -40.71 -4.73
CA GLU D 26 -0.58 -40.45 -6.11
C GLU D 26 -1.79 -40.17 -7.03
N GLY D 27 -1.82 -39.04 -7.74
CA GLY D 27 -2.91 -38.63 -8.65
C GLY D 27 -2.33 -38.63 -10.04
N LYS D 28 -2.97 -37.91 -10.97
CA LYS D 28 -2.56 -37.89 -12.38
C LYS D 28 -1.24 -37.18 -12.62
N TRP D 29 -1.05 -36.05 -11.94
CA TRP D 29 0.12 -35.18 -12.10
C TRP D 29 1.09 -35.11 -10.90
N VAL D 30 0.63 -35.40 -9.67
CA VAL D 30 1.37 -35.08 -8.43
C VAL D 30 1.21 -36.22 -7.45
N LYS D 31 2.26 -36.52 -6.68
CA LYS D 31 2.24 -37.55 -5.62
C LYS D 31 3.01 -37.10 -4.39
N LEU D 32 2.71 -37.74 -3.27
CA LEU D 32 3.25 -37.42 -1.97
C LEU D 32 3.96 -38.65 -1.40
N GLU D 33 5.11 -38.44 -0.76
CA GLU D 33 5.97 -39.55 -0.29
C GLU D 33 6.47 -39.23 1.09
N LYS D 34 6.59 -40.25 1.92
CA LYS D 34 7.38 -40.16 3.15
C LYS D 34 8.80 -40.63 2.87
N THR D 35 9.73 -39.70 2.90
CA THR D 35 11.11 -40.00 2.65
C THR D 35 11.88 -40.32 3.93
N THR D 36 12.62 -41.43 3.94
CA THR D 36 13.52 -41.68 5.05
C THR D 36 14.99 -41.47 4.68
N TYR D 37 15.76 -40.84 5.57
CA TYR D 37 17.19 -40.55 5.30
C TYR D 37 18.13 -40.55 6.54
N MET D 38 19.42 -40.66 6.26
CA MET D 38 20.46 -40.64 7.25
C MET D 38 21.10 -39.27 7.28
N ASP D 39 21.03 -38.60 8.43
CA ASP D 39 21.80 -37.38 8.65
C ASP D 39 23.29 -37.62 8.78
N PRO D 40 24.10 -36.56 8.86
CA PRO D 40 25.56 -36.79 8.93
C PRO D 40 26.04 -37.53 10.22
N THR D 41 25.41 -37.25 11.37
CA THR D 41 25.75 -37.91 12.65
C THR D 41 25.51 -39.43 12.65
N GLY D 42 24.56 -39.90 11.84
CA GLY D 42 24.20 -41.31 11.74
C GLY D 42 22.76 -41.64 12.12
N LYS D 43 21.98 -40.64 12.50
CA LYS D 43 20.56 -40.86 12.81
C LYS D 43 19.62 -40.87 11.57
N THR D 44 18.61 -41.75 11.65
CA THR D 44 17.53 -41.85 10.69
C THR D 44 16.51 -40.73 10.94
N ARG D 45 16.04 -40.06 9.87
CA ARG D 45 14.95 -39.09 9.97
C ARG D 45 13.94 -39.26 8.83
N THR D 46 12.77 -38.64 8.91
CA THR D 46 11.84 -38.65 7.77
C THR D 46 11.56 -37.26 7.25
N TRP D 47 10.84 -37.19 6.13
CA TRP D 47 10.48 -35.94 5.45
C TRP D 47 9.27 -36.16 4.54
N GLU D 48 8.39 -35.19 4.43
CA GLU D 48 7.27 -35.32 3.52
C GLU D 48 7.65 -34.63 2.22
N SER D 49 7.62 -35.35 1.10
CA SER D 49 8.10 -34.87 -0.21
C SER D 49 7.05 -35.01 -1.33
N VAL D 50 7.03 -34.03 -2.23
CA VAL D 50 6.12 -33.94 -3.32
C VAL D 50 6.93 -34.18 -4.58
N LYS D 51 6.42 -35.01 -5.47
CA LYS D 51 7.04 -35.26 -6.77
C LYS D 51 5.98 -35.25 -7.85
N ARG D 52 6.39 -34.90 -9.07
CA ARG D 52 5.50 -35.02 -10.20
C ARG D 52 5.58 -36.44 -10.74
N THR D 53 4.55 -36.85 -11.48
CA THR D 53 4.45 -38.21 -12.04
C THR D 53 4.73 -38.28 -13.53
N THR D 54 5.04 -37.14 -14.16
CA THR D 54 5.07 -37.02 -15.63
C THR D 54 6.53 -36.87 -16.09
N ALA D 60 14.85 -32.63 -16.69
CA ALA D 60 14.07 -31.87 -15.75
C ALA D 60 12.54 -31.96 -16.02
N ASP D 61 11.69 -31.54 -15.07
CA ASP D 61 10.22 -31.51 -15.32
C ASP D 61 9.81 -30.48 -16.40
N GLY D 62 10.32 -29.25 -16.25
CA GLY D 62 9.92 -28.09 -17.07
C GLY D 62 11.03 -27.22 -17.62
N VAL D 63 10.61 -26.20 -18.39
CA VAL D 63 11.46 -25.12 -18.80
C VAL D 63 10.74 -23.86 -18.32
N ALA D 64 11.54 -22.86 -17.99
CA ALA D 64 11.05 -21.45 -17.83
C ALA D 64 11.88 -20.67 -18.77
N VAL D 65 11.26 -19.75 -19.51
CA VAL D 65 11.94 -18.98 -20.49
C VAL D 65 12.05 -17.51 -20.03
N ILE D 66 13.27 -16.98 -20.10
CA ILE D 66 13.54 -15.55 -19.92
C ILE D 66 13.69 -14.90 -21.31
N PRO D 67 12.58 -14.29 -21.80
CA PRO D 67 12.52 -13.83 -23.20
C PRO D 67 12.82 -12.31 -23.25
N VAL D 68 13.96 -11.98 -23.85
CA VAL D 68 14.43 -10.61 -23.95
C VAL D 68 14.12 -10.08 -25.40
N LEU D 69 13.13 -9.22 -25.49
CA LEU D 69 12.62 -8.61 -26.76
C LEU D 69 13.57 -7.43 -27.12
N GLN D 70 14.36 -7.59 -28.19
CA GLN D 70 15.37 -6.60 -28.61
C GLN D 70 14.94 -5.92 -29.91
N ARG D 71 14.97 -4.58 -29.95
CA ARG D 71 14.80 -3.87 -31.26
C ARG D 71 15.96 -2.86 -31.34
N THR D 72 16.58 -2.66 -32.50
CA THR D 72 17.63 -1.62 -32.60
C THR D 72 17.03 -0.24 -32.29
N LEU D 73 17.86 0.60 -31.66
CA LEU D 73 17.44 1.94 -31.25
C LEU D 73 16.33 1.98 -30.19
N HIS D 74 16.12 0.88 -29.43
CA HIS D 74 15.07 0.84 -28.45
C HIS D 74 15.65 0.07 -27.21
N TYR D 75 14.98 0.19 -26.08
CA TYR D 75 15.35 -0.50 -24.81
C TYR D 75 14.85 -1.93 -24.99
N GLU D 76 15.48 -2.84 -24.23
CA GLU D 76 14.98 -4.20 -24.11
C GLU D 76 13.75 -4.29 -23.19
N CYS D 77 12.93 -5.31 -23.47
CA CYS D 77 11.75 -5.65 -22.67
C CYS D 77 11.85 -7.14 -22.32
N ILE D 78 11.26 -7.48 -21.18
CA ILE D 78 11.20 -8.86 -20.69
C ILE D 78 9.74 -9.27 -20.86
N VAL D 79 9.51 -10.34 -21.63
CA VAL D 79 8.18 -10.75 -21.96
C VAL D 79 7.71 -11.70 -20.88
N LEU D 80 6.67 -11.35 -20.19
CA LEU D 80 6.13 -12.18 -19.11
C LEU D 80 4.78 -12.63 -19.50
N VAL D 81 4.21 -13.54 -18.70
CA VAL D 81 2.84 -14.01 -18.97
C VAL D 81 2.02 -13.99 -17.72
N LYS D 82 0.71 -13.68 -17.85
CA LYS D 82 -0.22 -13.76 -16.68
C LYS D 82 -1.28 -14.74 -16.97
N GLN D 83 -1.59 -15.53 -15.96
CA GLN D 83 -2.58 -16.58 -16.08
C GLN D 83 -3.12 -16.93 -14.71
N PHE D 84 -4.33 -17.48 -14.69
CA PHE D 84 -4.93 -18.00 -13.48
C PHE D 84 -4.25 -19.32 -13.08
N ARG D 85 -3.86 -19.44 -11.80
CA ARG D 85 -3.16 -20.60 -11.29
C ARG D 85 -4.00 -21.21 -10.20
N PRO D 86 -4.71 -22.31 -10.51
CA PRO D 86 -5.57 -22.91 -9.51
C PRO D 86 -4.98 -23.19 -8.18
N PRO D 87 -3.68 -23.63 -8.13
CA PRO D 87 -3.19 -23.78 -6.79
C PRO D 87 -3.06 -22.46 -5.97
N MET D 88 -2.84 -21.34 -6.66
CA MET D 88 -2.74 -20.03 -5.99
C MET D 88 -4.11 -19.37 -5.76
N GLY D 89 -5.14 -19.90 -6.40
CA GLY D 89 -6.40 -19.21 -6.29
C GLY D 89 -6.44 -17.87 -6.97
N GLY D 90 -5.55 -17.62 -7.93
CA GLY D 90 -5.47 -16.27 -8.43
C GLY D 90 -4.54 -16.20 -9.57
N TYR D 91 -4.42 -15.00 -10.10
CA TYR D 91 -3.62 -14.77 -11.27
C TYR D 91 -2.12 -14.54 -10.84
N CYS D 92 -1.20 -15.04 -11.67
CA CYS D 92 0.19 -14.95 -11.42
C CYS D 92 0.90 -14.40 -12.62
N ILE D 93 2.01 -13.69 -12.39
CA ILE D 93 2.83 -13.15 -13.45
C ILE D 93 4.12 -13.95 -13.37
N GLU D 94 4.42 -14.63 -14.46
CA GLU D 94 5.53 -15.61 -14.53
C GLU D 94 6.27 -15.45 -15.80
N PHE D 95 7.49 -16.04 -15.85
CA PHE D 95 8.17 -16.23 -17.10
C PHE D 95 7.33 -17.29 -17.87
N PRO D 96 7.32 -17.19 -19.18
CA PRO D 96 6.64 -18.29 -19.99
C PRO D 96 7.29 -19.63 -19.66
N ALA D 97 6.47 -20.67 -19.58
CA ALA D 97 6.96 -21.95 -19.00
C ALA D 97 6.08 -23.05 -19.43
N GLY D 98 6.64 -24.24 -19.50
CA GLY D 98 5.80 -25.43 -19.64
C GLY D 98 6.60 -26.69 -19.35
N LEU D 99 5.89 -27.82 -19.18
CA LEU D 99 6.59 -29.13 -19.09
C LEU D 99 7.27 -29.52 -20.39
N ILE D 100 8.38 -30.24 -20.25
CA ILE D 100 9.10 -30.74 -21.41
C ILE D 100 8.40 -32.02 -21.89
N ASP D 101 8.23 -32.09 -23.22
CA ASP D 101 7.52 -33.22 -23.87
C ASP D 101 8.49 -34.39 -23.93
N ASP D 102 7.98 -35.62 -23.90
CA ASP D 102 8.90 -36.80 -24.06
C ASP D 102 9.70 -36.67 -25.35
N GLY D 103 11.02 -36.84 -25.25
CA GLY D 103 11.90 -36.80 -26.43
C GLY D 103 12.18 -35.44 -27.04
N GLU D 104 11.96 -34.39 -26.25
CA GLU D 104 12.14 -33.01 -26.67
C GLU D 104 13.25 -32.41 -25.81
N THR D 105 14.15 -31.66 -26.43
CA THR D 105 15.25 -31.04 -25.70
C THR D 105 14.68 -29.84 -24.90
N PRO D 106 15.36 -29.44 -23.81
CA PRO D 106 14.93 -28.18 -23.15
C PRO D 106 14.94 -26.97 -24.08
N GLU D 107 15.96 -26.81 -24.91
CA GLU D 107 15.99 -25.67 -25.85
C GLU D 107 14.79 -25.67 -26.78
N ALA D 108 14.35 -26.83 -27.25
CA ALA D 108 13.27 -26.86 -28.20
C ALA D 108 11.96 -26.64 -27.46
N ALA D 109 11.83 -27.17 -26.23
CA ALA D 109 10.65 -26.90 -25.44
C ALA D 109 10.51 -25.40 -25.11
N ALA D 110 11.64 -24.75 -24.85
CA ALA D 110 11.65 -23.32 -24.53
C ALA D 110 11.10 -22.58 -25.74
N LEU D 111 11.70 -22.81 -26.91
CA LEU D 111 11.18 -22.08 -28.12
C LEU D 111 9.71 -22.40 -28.42
N ARG D 112 9.32 -23.63 -28.18
CA ARG D 112 7.93 -24.01 -28.43
C ARG D 112 6.99 -23.34 -27.49
N GLU D 113 7.28 -23.45 -26.18
CA GLU D 113 6.46 -22.81 -25.14
C GLU D 113 6.38 -21.25 -25.26
N LEU D 114 7.51 -20.65 -25.58
CA LEU D 114 7.51 -19.18 -25.84
C LEU D 114 6.60 -18.83 -27.01
N GLU D 115 6.74 -19.53 -28.15
CA GLU D 115 5.81 -19.30 -29.28
C GLU D 115 4.35 -19.59 -28.92
N GLU D 116 4.07 -20.73 -28.30
CA GLU D 116 2.69 -20.97 -27.83
C GLU D 116 2.06 -19.91 -26.92
N GLU D 117 2.80 -19.49 -25.88
CA GLU D 117 2.26 -18.64 -24.83
C GLU D 117 2.31 -17.15 -25.23
N THR D 118 3.24 -16.78 -26.10
CA THR D 118 3.45 -15.39 -26.50
C THR D 118 3.35 -15.04 -27.98
N GLY D 119 3.48 -16.02 -28.88
CA GLY D 119 3.62 -15.74 -30.34
C GLY D 119 5.04 -15.53 -30.83
N TYR D 120 5.95 -15.09 -29.94
CA TYR D 120 7.29 -14.79 -30.39
C TYR D 120 8.13 -16.02 -30.79
N LYS D 121 9.05 -15.78 -31.70
CA LYS D 121 9.94 -16.74 -32.29
C LYS D 121 11.33 -16.29 -31.87
N GLY D 122 11.94 -17.05 -30.95
CA GLY D 122 13.13 -16.64 -30.27
C GLY D 122 14.33 -17.36 -30.78
N ASP D 123 15.49 -16.89 -30.34
CA ASP D 123 16.77 -17.49 -30.55
C ASP D 123 17.32 -17.89 -29.16
N ILE D 124 17.78 -19.12 -29.03
CA ILE D 124 18.43 -19.54 -27.81
C ILE D 124 19.70 -18.74 -27.55
N ALA D 125 19.79 -18.12 -26.35
CA ALA D 125 21.02 -17.46 -25.90
C ALA D 125 21.77 -18.39 -24.96
N GLU D 126 21.08 -19.03 -24.02
CA GLU D 126 21.73 -19.95 -23.04
C GLU D 126 20.69 -20.80 -22.31
N CYS D 127 21.15 -21.88 -21.68
CA CYS D 127 20.22 -22.83 -21.04
C CYS D 127 20.83 -23.33 -19.74
N SER D 128 20.11 -23.19 -18.63
CA SER D 128 20.65 -23.65 -17.34
C SER D 128 20.71 -25.17 -17.28
N PRO D 129 21.50 -25.69 -16.33
CA PRO D 129 21.24 -27.04 -15.91
C PRO D 129 19.92 -27.12 -15.14
N ALA D 130 19.50 -28.32 -14.78
CA ALA D 130 18.30 -28.48 -14.01
C ALA D 130 18.46 -27.80 -12.64
N VAL D 131 17.51 -26.90 -12.34
CA VAL D 131 17.51 -26.15 -11.08
C VAL D 131 16.21 -26.47 -10.33
N CYS D 132 16.26 -26.47 -9.00
CA CYS D 132 15.20 -26.92 -8.18
C CYS D 132 14.21 -25.79 -7.87
N MET D 133 12.96 -26.16 -7.98
CA MET D 133 11.86 -25.18 -7.70
C MET D 133 11.60 -24.87 -6.25
N ASP D 134 11.60 -25.87 -5.36
CA ASP D 134 11.30 -25.69 -3.99
C ASP D 134 11.83 -26.93 -3.25
N PRO D 135 13.17 -26.98 -3.01
CA PRO D 135 13.77 -28.28 -2.71
C PRO D 135 13.46 -28.79 -1.31
N GLY D 136 13.05 -27.94 -0.37
CA GLY D 136 12.59 -28.40 0.93
C GLY D 136 11.19 -29.02 0.88
N LEU D 137 10.55 -28.99 -0.28
CA LEU D 137 9.21 -29.56 -0.46
C LEU D 137 9.06 -30.57 -1.55
N SER D 138 9.57 -30.28 -2.74
CA SER D 138 9.37 -31.14 -3.91
C SER D 138 10.68 -31.47 -4.58
N ASN D 139 10.65 -32.45 -5.47
CA ASN D 139 11.81 -32.73 -6.30
C ASN D 139 11.75 -31.99 -7.63
N CYS D 140 10.83 -31.04 -7.80
CA CYS D 140 10.60 -30.48 -9.13
C CYS D 140 11.80 -29.63 -9.54
N THR D 141 12.13 -29.75 -10.83
CA THR D 141 13.17 -29.00 -11.46
C THR D 141 12.76 -28.44 -12.82
N ILE D 142 13.49 -27.43 -13.22
CA ILE D 142 13.36 -26.90 -14.59
C ILE D 142 14.70 -26.56 -15.15
N HIS D 143 14.73 -26.30 -16.44
CA HIS D 143 15.83 -25.55 -17.03
C HIS D 143 15.30 -24.15 -17.27
N ILE D 144 16.12 -23.18 -16.86
CA ILE D 144 15.85 -21.77 -17.21
C ILE D 144 16.56 -21.48 -18.50
N VAL D 145 15.80 -21.03 -19.51
CA VAL D 145 16.36 -20.86 -20.83
C VAL D 145 16.22 -19.41 -21.21
N THR D 146 17.37 -18.74 -21.44
CA THR D 146 17.35 -17.33 -21.80
C THR D 146 17.19 -17.28 -23.34
N VAL D 147 16.25 -16.50 -23.85
CA VAL D 147 15.86 -16.50 -25.30
C VAL D 147 15.75 -15.02 -25.77
N THR D 148 16.49 -14.66 -26.82
CA THR D 148 16.40 -13.30 -27.38
C THR D 148 15.33 -13.31 -28.46
N ILE D 149 14.62 -12.21 -28.64
CA ILE D 149 13.56 -12.15 -29.63
C ILE D 149 13.98 -11.01 -30.51
N ASN D 150 14.19 -11.28 -31.79
CA ASN D 150 14.67 -10.20 -32.70
C ASN D 150 13.42 -9.49 -33.15
N GLY D 151 13.05 -8.42 -32.44
CA GLY D 151 11.79 -7.72 -32.66
C GLY D 151 11.82 -6.89 -33.96
N ASP D 152 12.97 -6.81 -34.62
CA ASP D 152 13.06 -6.15 -35.94
C ASP D 152 12.62 -7.09 -37.08
N ASP D 153 12.49 -8.39 -36.77
CA ASP D 153 12.06 -9.37 -37.77
C ASP D 153 10.55 -9.30 -37.92
N ALA D 154 10.12 -9.44 -39.18
CA ALA D 154 8.72 -9.37 -39.53
C ALA D 154 7.86 -10.37 -38.72
N GLU D 155 8.38 -11.59 -38.55
CA GLU D 155 7.67 -12.66 -37.83
C GLU D 155 7.34 -12.28 -36.39
N ASN D 156 8.16 -11.42 -35.80
CA ASN D 156 7.91 -10.84 -34.45
C ASN D 156 7.33 -9.43 -34.38
N ALA D 157 6.76 -8.94 -35.48
CA ALA D 157 6.22 -7.58 -35.55
C ALA D 157 5.03 -7.42 -34.62
N ARG D 158 4.10 -8.37 -34.69
CA ARG D 158 2.92 -8.36 -33.84
C ARG D 158 2.31 -9.75 -33.78
N PRO D 159 3.07 -10.74 -33.26
CA PRO D 159 2.57 -12.12 -33.17
C PRO D 159 1.57 -12.28 -32.04
N LYS D 160 0.76 -13.35 -32.09
CA LYS D 160 -0.23 -13.70 -31.07
C LYS D 160 -0.02 -15.13 -30.58
N PRO D 161 -0.44 -15.41 -29.33
CA PRO D 161 -0.21 -16.75 -28.77
C PRO D 161 -0.96 -17.81 -29.58
N LYS D 162 -0.56 -19.08 -29.46
CA LYS D 162 -1.37 -20.24 -29.89
C LYS D 162 -1.56 -21.21 -28.69
N PRO D 163 -2.53 -20.93 -27.81
CA PRO D 163 -2.69 -21.77 -26.62
C PRO D 163 -3.31 -23.15 -26.90
N GLY D 164 -3.01 -24.11 -26.02
CA GLY D 164 -3.71 -25.39 -26.00
C GLY D 164 -5.10 -25.22 -25.41
N ASP D 165 -5.85 -26.33 -25.31
CA ASP D 165 -7.18 -26.29 -24.69
C ASP D 165 -6.91 -26.12 -23.19
N GLY D 166 -7.72 -25.33 -22.51
CA GLY D 166 -7.52 -25.08 -21.07
C GLY D 166 -6.33 -24.22 -20.65
N GLU D 167 -5.64 -23.61 -21.63
CA GLU D 167 -4.56 -22.65 -21.38
C GLU D 167 -5.09 -21.29 -21.79
N PHE D 168 -4.94 -20.31 -20.91
CA PHE D 168 -5.48 -18.97 -21.13
C PHE D 168 -4.44 -17.99 -20.61
N VAL D 169 -3.73 -17.31 -21.50
CA VAL D 169 -2.53 -16.57 -21.09
C VAL D 169 -2.55 -15.18 -21.72
N GLU D 170 -2.32 -14.16 -20.88
CA GLU D 170 -2.12 -12.76 -21.28
C GLU D 170 -0.62 -12.48 -21.31
N VAL D 171 -0.16 -11.89 -22.39
CA VAL D 171 1.26 -11.45 -22.51
C VAL D 171 1.38 -10.10 -21.80
N ILE D 172 2.48 -9.93 -21.06
CA ILE D 172 2.81 -8.65 -20.36
C ILE D 172 4.26 -8.38 -20.63
N SER D 173 4.53 -7.43 -21.50
CA SER D 173 5.89 -7.05 -21.85
C SER D 173 6.31 -5.85 -20.98
N LEU D 174 7.42 -5.93 -20.24
CA LEU D 174 7.81 -4.84 -19.31
C LEU D 174 9.20 -4.42 -19.62
N PRO D 175 9.50 -3.12 -19.44
CA PRO D 175 10.85 -2.69 -19.71
C PRO D 175 11.80 -3.34 -18.73
N LYS D 176 12.84 -3.94 -19.27
CA LYS D 176 13.91 -4.53 -18.51
C LYS D 176 14.50 -3.49 -17.46
N ASN D 177 14.69 -2.25 -17.94
CA ASN D 177 15.31 -1.17 -17.16
C ASN D 177 14.56 -0.71 -15.93
N ASP D 178 13.29 -1.08 -15.79
CA ASP D 178 12.54 -0.70 -14.65
C ASP D 178 11.70 -1.84 -14.18
N LEU D 179 12.19 -3.06 -14.39
CA LEU D 179 11.37 -4.22 -14.09
C LEU D 179 10.84 -4.36 -12.69
N LEU D 180 11.70 -4.18 -11.69
CA LEU D 180 11.33 -4.37 -10.32
C LEU D 180 10.18 -3.39 -9.93
N GLN D 181 10.31 -2.09 -10.31
CA GLN D 181 9.34 -1.07 -9.93
C GLN D 181 8.01 -1.40 -10.60
N ARG D 182 8.10 -1.82 -11.85
CA ARG D 182 6.90 -2.20 -12.62
C ARG D 182 6.16 -3.34 -11.98
N LEU D 183 6.89 -4.35 -11.54
CA LEU D 183 6.32 -5.42 -10.76
C LEU D 183 5.71 -5.00 -9.47
N ASP D 184 6.43 -4.18 -8.69
CA ASP D 184 5.88 -3.69 -7.44
C ASP D 184 4.59 -2.90 -7.67
N ALA D 185 4.50 -2.14 -8.78
CA ALA D 185 3.34 -1.31 -9.08
C ALA D 185 2.13 -2.20 -9.41
N LEU D 186 2.37 -3.25 -10.21
CA LEU D 186 1.33 -4.22 -10.48
C LEU D 186 0.74 -4.83 -9.23
N VAL D 187 1.60 -5.22 -8.32
CA VAL D 187 1.23 -5.81 -7.06
C VAL D 187 0.48 -4.87 -6.12
N ALA D 188 0.79 -3.59 -6.18
CA ALA D 188 0.18 -2.62 -5.31
C ALA D 188 -1.24 -2.34 -5.79
N GLU D 189 -1.47 -2.53 -7.09
CA GLU D 189 -2.73 -2.14 -7.74
C GLU D 189 -3.70 -3.28 -8.02
N GLU D 190 -3.17 -4.45 -8.34
CA GLU D 190 -3.97 -5.56 -8.90
C GLU D 190 -3.91 -6.82 -8.04
N HIS D 191 -4.98 -7.61 -8.13
CA HIS D 191 -5.12 -8.87 -7.44
C HIS D 191 -4.27 -9.84 -8.23
N LEU D 192 -2.99 -9.93 -7.86
CA LEU D 192 -2.15 -10.91 -8.56
C LEU D 192 -0.89 -11.12 -7.73
N THR D 193 -0.18 -12.20 -8.03
CA THR D 193 1.10 -12.59 -7.41
C THR D 193 2.21 -12.70 -8.47
N VAL D 194 3.38 -12.14 -8.16
CA VAL D 194 4.54 -12.24 -9.03
C VAL D 194 5.29 -13.49 -8.56
N ASP D 195 5.83 -14.16 -9.55
CA ASP D 195 6.61 -15.37 -9.29
C ASP D 195 7.94 -14.98 -8.66
N ALA D 196 8.40 -15.83 -7.76
CA ALA D 196 9.67 -15.63 -7.09
C ALA D 196 10.90 -15.61 -8.00
N ARG D 197 10.91 -16.37 -9.09
N ARG D 197 10.92 -16.42 -9.07
CA ARG D 197 12.04 -16.30 -10.03
CA ARG D 197 12.00 -16.37 -10.08
C ARG D 197 12.02 -15.03 -10.86
C ARG D 197 12.01 -15.01 -10.77
N VAL D 198 10.83 -14.53 -11.19
CA VAL D 198 10.73 -13.22 -11.89
C VAL D 198 11.23 -12.08 -10.95
N TYR D 199 10.83 -12.18 -9.69
CA TYR D 199 11.19 -11.17 -8.71
C TYR D 199 12.67 -11.24 -8.39
N SER D 200 13.24 -12.43 -8.29
CA SER D 200 14.68 -12.53 -8.03
C SER D 200 15.45 -11.99 -9.20
N TYR D 201 15.02 -12.29 -10.43
CA TYR D 201 15.61 -11.68 -11.67
C TYR D 201 15.59 -10.15 -11.57
N ALA D 202 14.41 -9.62 -11.31
CA ALA D 202 14.24 -8.16 -11.27
C ALA D 202 15.13 -7.50 -10.16
N LEU D 203 15.18 -8.14 -8.99
CA LEU D 203 16.08 -7.71 -7.91
C LEU D 203 17.52 -7.58 -8.31
N ALA D 204 18.01 -8.66 -8.92
CA ALA D 204 19.36 -8.66 -9.38
C ALA D 204 19.69 -7.60 -10.47
N LEU D 205 18.68 -7.22 -11.28
CA LEU D 205 18.92 -6.14 -12.26
C LEU D 205 19.30 -4.82 -11.54
N LYS D 206 18.76 -4.64 -10.35
CA LYS D 206 19.06 -3.49 -9.54
C LYS D 206 20.31 -3.71 -8.76
N HIS D 207 20.50 -4.91 -8.22
CA HIS D 207 21.71 -5.14 -7.39
C HIS D 207 23.04 -5.24 -8.13
N ALA D 208 23.00 -5.57 -9.41
CA ALA D 208 24.15 -5.61 -10.29
C ALA D 208 24.99 -4.37 -10.20
N ASN D 209 26.30 -4.65 -10.22
CA ASN D 209 27.51 -3.79 -10.01
C ASN D 209 28.22 -3.92 -8.65
#